data_5OEQ
#
_entry.id   5OEQ
#
_cell.length_a   78.050
_cell.length_b   84.320
_cell.length_c   81.170
_cell.angle_alpha   90.00
_cell.angle_beta   103.67
_cell.angle_gamma   90.00
#
_symmetry.space_group_name_H-M   'P 1 21 1'
#
loop_
_entity.id
_entity.type
_entity.pdbx_description
1 polymer 'Decaprenylphosphoryl-beta-D-ribose oxidase'
2 non-polymer 'FLAVIN-ADENINE DINUCLEOTIDE'
3 non-polymer ~{N}-[3-(pyrimidin-2-ylcarbamoyl)thiophen-2-yl]-[1,3]thiazolo[4,5-c]pyridine-2-carboxamide
4 non-polymer IMIDAZOLE
5 water water
#
_entity_poly.entity_id   1
_entity_poly.type   'polypeptide(L)'
_entity_poly.pdbx_seq_one_letter_code
;MGSSHHHHHHSQDPNSMLSVGATTTATRLTGWGRTAPSVANVLRTPDAEMIVKAVARVAESGGGRGAIARGLGRSYGDNA
QNGGGLVIDMTPLNTIHSIDADTKLVDIDAGVNLDQLMKAALPFGLWVPVLPGTRQVTVGGAIACDIHGKNHHSAGSFGN
HVRSMDLLTADGEIRHLTPTGEDAELFWATVGGNGLTGIIMRATIEMTPTSTAYFIADGDVTASLDETIALHSDGSEARY
TYSSAWFDAISAPPKLGRAAVSRGRLATVEQLPAKLRSEPLKFDAPQLLTLPDVFPNGLANKYTFGPIGELWYRKSGTYR
GKVQNLTQFYHPLDMFGEWNRAYGPAGFLQYQFVIPTEAVDEFKKIIGVIQASGHYSFLNVFKLFGPRNQAPLSFPIPGW
NICVDFPIKDGLGKFVSELDRRVLEFGGRLYTAKDSRTTAETFHAMYPRVDEWISVRRKVDPLRVFASDMARRLELL
;
_entity_poly.pdbx_strand_id   A,B
#
# COMPACT_ATOMS: atom_id res chain seq x y z
N THR A 23 -28.61 -12.49 13.47
CA THR A 23 -27.49 -11.59 13.03
C THR A 23 -26.93 -10.66 14.12
N THR A 24 -27.75 -10.34 15.14
CA THR A 24 -27.31 -9.53 16.31
C THR A 24 -27.10 -10.40 17.55
N THR A 25 -25.99 -10.16 18.26
CA THR A 25 -25.66 -10.88 19.50
C THR A 25 -25.69 -9.93 20.71
N ALA A 26 -26.36 -10.36 21.78
CA ALA A 26 -26.35 -9.66 23.06
C ALA A 26 -24.96 -9.71 23.69
N THR A 27 -24.30 -8.55 23.75
CA THR A 27 -22.90 -8.44 24.14
C THR A 27 -22.76 -7.38 25.24
N ARG A 28 -21.98 -7.69 26.27
CA ARG A 28 -21.54 -6.67 27.24
C ARG A 28 -20.37 -5.85 26.63
N LEU A 29 -20.65 -4.57 26.42
CA LEU A 29 -19.68 -3.62 25.87
C LEU A 29 -19.23 -2.61 26.93
N THR A 30 -17.96 -2.22 26.84
CA THR A 30 -17.33 -1.18 27.68
C THR A 30 -16.50 -0.30 26.74
N GLY A 31 -16.02 0.83 27.26
CA GLY A 31 -14.96 1.60 26.58
C GLY A 31 -13.61 0.97 26.90
N TRP A 32 -12.54 1.58 26.37
CA TRP A 32 -11.16 1.13 26.64
C TRP A 32 -10.80 1.02 28.14
N GLY A 33 -11.36 1.91 28.97
CA GLY A 33 -11.16 1.91 30.42
C GLY A 33 -11.77 0.74 31.19
N ARG A 34 -12.58 -0.08 30.49
CA ARG A 34 -13.26 -1.29 31.04
C ARG A 34 -14.13 -0.98 32.28
N THR A 35 -14.96 0.05 32.11
CA THR A 35 -15.82 0.59 33.16
C THR A 35 -17.22 0.94 32.62
N ALA A 36 -18.20 1.02 33.54
CA ALA A 36 -19.64 1.24 33.21
C ALA A 36 -20.14 0.39 32.03
N PRO A 37 -20.21 -0.95 32.21
CA PRO A 37 -20.67 -1.79 31.10
C PRO A 37 -22.20 -1.78 30.92
N SER A 38 -22.65 -1.88 29.67
CA SER A 38 -24.07 -2.13 29.37
C SER A 38 -24.22 -3.18 28.26
N VAL A 39 -25.35 -3.88 28.28
CA VAL A 39 -25.63 -4.95 27.34
C VAL A 39 -26.40 -4.36 26.16
N ALA A 40 -25.92 -4.67 24.95
CA ALA A 40 -26.57 -4.30 23.71
C ALA A 40 -26.65 -5.48 22.73
N ASN A 41 -27.60 -5.40 21.80
CA ASN A 41 -27.56 -6.22 20.62
C ASN A 41 -26.56 -5.64 19.63
N VAL A 42 -25.50 -6.40 19.36
CA VAL A 42 -24.43 -5.98 18.44
C VAL A 42 -24.63 -6.64 17.09
N LEU A 43 -24.86 -5.80 16.08
CA LEU A 43 -24.86 -6.23 14.68
C LEU A 43 -23.45 -6.09 14.08
N ARG A 44 -22.96 -7.19 13.51
CA ARG A 44 -21.65 -7.28 12.88
C ARG A 44 -21.79 -7.91 11.50
N THR A 45 -21.73 -7.08 10.47
CA THR A 45 -21.89 -7.56 9.09
C THR A 45 -21.05 -6.75 8.10
N PRO A 46 -20.38 -7.43 7.13
CA PRO A 46 -19.66 -6.70 6.08
C PRO A 46 -20.59 -6.08 5.02
N ASP A 47 -21.88 -6.42 5.05
CA ASP A 47 -22.82 -5.93 4.03
C ASP A 47 -23.55 -4.66 4.46
N ALA A 48 -23.20 -3.55 3.78
CA ALA A 48 -23.79 -2.22 4.03
C ALA A 48 -25.31 -2.11 3.89
N GLU A 49 -25.93 -2.93 3.02
CA GLU A 49 -27.38 -2.97 2.86
C GLU A 49 -28.12 -3.45 4.12
N MET A 50 -27.52 -4.42 4.82
CA MET A 50 -28.04 -4.95 6.09
C MET A 50 -28.04 -3.89 7.21
N ILE A 51 -27.08 -2.96 7.13
CA ILE A 51 -26.97 -1.84 8.07
C ILE A 51 -28.08 -0.83 7.81
N VAL A 52 -28.32 -0.51 6.53
CA VAL A 52 -29.45 0.35 6.08
C VAL A 52 -30.79 -0.16 6.63
N LYS A 53 -31.00 -1.47 6.54
CA LYS A 53 -32.24 -2.12 6.97
C LYS A 53 -32.40 -2.23 8.49
N ALA A 54 -31.28 -2.43 9.19
CA ALA A 54 -31.26 -2.42 10.66
C ALA A 54 -31.70 -1.06 11.23
N VAL A 55 -31.23 0.04 10.62
CA VAL A 55 -31.62 1.40 10.96
C VAL A 55 -33.08 1.65 10.59
N ALA A 56 -33.52 1.11 9.45
CA ALA A 56 -34.94 1.11 9.07
C ALA A 56 -35.81 0.38 10.09
N ARG A 57 -35.32 -0.75 10.61
CA ARG A 57 -36.00 -1.54 11.66
C ARG A 57 -36.08 -0.79 12.99
N VAL A 58 -35.05 0.00 13.30
CA VAL A 58 -35.02 0.83 14.52
C VAL A 58 -35.96 2.04 14.36
N ALA A 59 -35.92 2.69 13.19
CA ALA A 59 -36.71 3.89 12.89
C ALA A 59 -38.22 3.69 12.98
N GLU A 60 -38.67 2.49 12.61
CA GLU A 60 -40.08 2.12 12.65
C GLU A 60 -40.53 1.59 14.01
N SER A 61 -39.59 1.07 14.81
CA SER A 61 -39.89 0.47 16.13
C SER A 61 -40.29 1.44 17.25
N GLY A 62 -40.73 2.64 16.88
CA GLY A 62 -41.12 3.68 17.85
C GLY A 62 -39.91 4.31 18.52
N GLY A 63 -38.81 4.43 17.77
CA GLY A 63 -37.54 4.95 18.26
C GLY A 63 -36.81 4.00 19.21
N GLY A 64 -37.55 3.49 20.20
CA GLY A 64 -37.04 2.60 21.26
C GLY A 64 -35.84 3.20 21.98
N ARG A 65 -34.85 2.38 22.27
CA ARG A 65 -33.57 2.86 22.82
C ARG A 65 -32.50 3.05 21.74
N GLY A 66 -32.94 2.96 20.48
CA GLY A 66 -32.19 3.43 19.32
C GLY A 66 -30.93 2.68 18.95
N ALA A 67 -30.06 3.36 18.21
CA ALA A 67 -28.84 2.75 17.66
C ALA A 67 -27.63 3.66 17.78
N ILE A 68 -26.46 3.04 17.86
CA ILE A 68 -25.17 3.73 17.79
C ILE A 68 -24.11 2.93 17.00
N ALA A 69 -23.24 3.62 16.29
CA ALA A 69 -22.13 2.93 15.62
C ALA A 69 -20.99 2.70 16.59
N ARG A 70 -20.30 1.58 16.41
CA ARG A 70 -19.06 1.30 17.14
C ARG A 70 -17.92 1.07 16.15
N GLY A 71 -16.77 1.63 16.47
CA GLY A 71 -15.54 1.43 15.71
C GLY A 71 -14.70 0.37 16.40
N LEU A 72 -13.44 0.69 16.66
CA LEU A 72 -12.56 -0.26 17.32
C LEU A 72 -12.65 -0.27 18.89
N GLY A 73 -13.56 0.52 19.47
CA GLY A 73 -13.77 0.52 20.92
C GLY A 73 -12.67 1.19 21.72
N ARG A 74 -11.96 2.13 21.10
CA ARG A 74 -10.86 2.80 21.73
C ARG A 74 -11.18 4.06 22.54
N SER A 75 -12.37 4.67 22.39
CA SER A 75 -12.85 5.65 23.38
C SER A 75 -12.87 5.04 24.78
N TYR A 76 -12.32 5.75 25.75
CA TYR A 76 -12.45 5.37 27.16
C TYR A 76 -13.89 5.51 27.65
N GLY A 77 -14.62 6.48 27.12
CA GLY A 77 -16.00 6.70 27.51
C GLY A 77 -17.07 5.67 27.10
N ASP A 78 -18.31 6.14 27.16
CA ASP A 78 -19.50 5.34 26.85
C ASP A 78 -20.17 5.82 25.56
N ASN A 79 -19.41 6.51 24.70
CA ASN A 79 -19.96 6.98 23.44
C ASN A 79 -20.28 5.91 22.38
N ALA A 80 -19.75 4.69 22.54
CA ALA A 80 -19.97 3.57 21.58
C ALA A 80 -20.65 2.37 22.23
N GLN A 81 -21.44 2.64 23.26
CA GLN A 81 -22.34 1.64 23.80
C GLN A 81 -23.73 2.21 23.92
N ASN A 82 -24.71 1.33 23.86
CA ASN A 82 -26.11 1.72 23.94
C ASN A 82 -26.92 0.65 24.68
N GLY A 83 -26.93 0.73 26.02
CA GLY A 83 -27.67 -0.20 26.89
C GLY A 83 -29.09 -0.44 26.45
N GLY A 84 -29.43 -1.72 26.24
CA GLY A 84 -30.78 -2.14 25.82
C GLY A 84 -31.19 -1.72 24.41
N GLY A 85 -30.24 -1.23 23.63
CA GLY A 85 -30.49 -0.83 22.24
C GLY A 85 -29.51 -1.49 21.29
N LEU A 86 -29.38 -0.93 20.09
CA LEU A 86 -28.60 -1.53 19.03
C LEU A 86 -27.23 -0.85 18.92
N VAL A 87 -26.19 -1.66 18.78
CA VAL A 87 -24.86 -1.20 18.50
C VAL A 87 -24.43 -1.83 17.17
N ILE A 88 -24.02 -1.02 16.21
CA ILE A 88 -23.57 -1.52 14.92
C ILE A 88 -22.04 -1.47 14.84
N ASP A 89 -21.41 -2.64 14.79
CA ASP A 89 -19.97 -2.76 14.63
C ASP A 89 -19.57 -2.50 13.19
N MET A 90 -18.81 -1.43 12.98
CA MET A 90 -18.44 -0.95 11.65
C MET A 90 -17.13 -1.54 11.11
N THR A 91 -16.38 -2.23 11.96
CA THR A 91 -15.04 -2.75 11.60
C THR A 91 -15.04 -3.75 10.43
N PRO A 92 -16.16 -4.47 10.15
CA PRO A 92 -16.13 -5.28 8.91
C PRO A 92 -16.28 -4.48 7.62
N LEU A 93 -16.67 -3.21 7.68
CA LEU A 93 -16.68 -2.36 6.48
C LEU A 93 -15.33 -1.69 6.31
N ASN A 94 -14.36 -2.45 5.82
CA ASN A 94 -12.98 -1.99 5.89
C ASN A 94 -12.23 -1.98 4.55
N THR A 95 -12.98 -1.77 3.47
CA THR A 95 -12.47 -1.58 2.12
C THR A 95 -11.87 -0.18 1.92
N ILE A 96 -10.63 -0.17 1.45
CA ILE A 96 -10.07 1.01 0.78
C ILE A 96 -10.48 0.99 -0.69
N HIS A 97 -11.27 1.98 -1.10
CA HIS A 97 -11.83 2.01 -2.45
C HIS A 97 -10.86 2.57 -3.46
N SER A 98 -10.15 3.65 -3.12
CA SER A 98 -9.14 4.22 -4.00
C SER A 98 -8.19 5.11 -3.27
N ILE A 99 -6.97 5.20 -3.81
CA ILE A 99 -5.99 6.19 -3.40
C ILE A 99 -5.48 6.82 -4.69
N ASP A 100 -5.37 8.15 -4.68
CA ASP A 100 -4.89 8.91 -5.82
C ASP A 100 -3.78 9.85 -5.36
N ALA A 101 -2.56 9.66 -5.87
CA ALA A 101 -1.43 10.47 -5.41
C ALA A 101 -1.44 11.89 -5.95
N ASP A 102 -2.05 12.09 -7.14
CA ASP A 102 -2.10 13.40 -7.81
C ASP A 102 -3.02 14.38 -7.04
N THR A 103 -4.24 13.95 -6.74
CA THR A 103 -5.20 14.73 -5.93
C THR A 103 -5.01 14.60 -4.40
N LYS A 104 -4.16 13.66 -3.96
CA LYS A 104 -3.95 13.29 -2.55
C LYS A 104 -5.16 12.73 -1.81
N LEU A 105 -6.15 12.26 -2.55
CA LEU A 105 -7.39 11.78 -1.96
C LEU A 105 -7.45 10.27 -1.73
N VAL A 106 -8.02 9.92 -0.61
CA VAL A 106 -8.27 8.56 -0.28
C VAL A 106 -9.77 8.42 -0.05
N ASP A 107 -10.34 7.37 -0.61
CA ASP A 107 -11.74 7.04 -0.49
C ASP A 107 -11.88 5.69 0.23
N ILE A 108 -12.46 5.74 1.43
CA ILE A 108 -12.40 4.58 2.35
C ILE A 108 -13.72 4.32 3.03
N ASP A 109 -14.02 3.05 3.27
CA ASP A 109 -15.12 2.66 4.14
C ASP A 109 -14.85 3.18 5.58
N ALA A 110 -15.90 3.43 6.35
CA ALA A 110 -15.71 4.04 7.68
C ALA A 110 -15.04 3.09 8.69
N GLY A 111 -15.11 1.79 8.43
CA GLY A 111 -14.43 0.81 9.25
C GLY A 111 -12.94 0.60 8.99
N VAL A 112 -12.37 1.26 7.98
CA VAL A 112 -10.92 1.22 7.85
C VAL A 112 -10.20 1.87 9.04
N ASN A 113 -9.16 1.18 9.50
CA ASN A 113 -8.39 1.75 10.58
C ASN A 113 -7.17 2.54 10.09
N LEU A 114 -6.65 3.40 10.95
CA LEU A 114 -5.58 4.31 10.58
C LEU A 114 -4.23 3.66 10.31
N ASP A 115 -3.98 2.51 10.94
CA ASP A 115 -2.81 1.71 10.68
C ASP A 115 -2.85 1.07 9.27
N GLN A 116 -3.96 0.42 8.94
CA GLN A 116 -4.22 -0.10 7.61
C GLN A 116 -4.10 1.04 6.56
N LEU A 117 -4.72 2.18 6.86
CA LEU A 117 -4.69 3.30 5.97
C LEU A 117 -3.27 3.84 5.81
N MET A 118 -2.54 3.95 6.90
CA MET A 118 -1.18 4.44 6.88
C MET A 118 -0.26 3.59 5.97
N LYS A 119 -0.37 2.27 6.09
CA LYS A 119 0.42 1.34 5.33
C LYS A 119 0.02 1.30 3.85
N ALA A 120 -1.26 1.44 3.55
CA ALA A 120 -1.74 1.44 2.16
C ALA A 120 -1.33 2.73 1.46
N ALA A 121 -1.28 3.84 2.20
CA ALA A 121 -1.04 5.14 1.61
C ALA A 121 0.44 5.52 1.39
N LEU A 122 1.32 5.03 2.27
CA LEU A 122 2.75 5.31 2.17
C LEU A 122 3.38 5.10 0.78
N PRO A 123 3.08 3.99 0.08
CA PRO A 123 3.80 3.84 -1.22
C PRO A 123 3.41 4.89 -2.27
N PHE A 124 2.36 5.66 -2.01
CA PHE A 124 1.93 6.74 -2.91
C PHE A 124 2.58 8.06 -2.51
N GLY A 125 3.49 8.01 -1.53
CA GLY A 125 4.03 9.21 -0.90
C GLY A 125 2.95 10.03 -0.21
N LEU A 126 1.99 9.35 0.41
CA LEU A 126 0.91 10.00 1.16
C LEU A 126 0.92 9.67 2.66
N TRP A 127 0.72 10.71 3.46
CA TRP A 127 0.78 10.63 4.94
C TRP A 127 -0.59 10.95 5.53
N VAL A 128 -1.04 10.09 6.45
CA VAL A 128 -2.29 10.31 7.21
C VAL A 128 -2.16 11.69 7.90
N PRO A 129 -3.10 12.61 7.64
CA PRO A 129 -2.87 14.01 8.03
C PRO A 129 -2.89 14.24 9.55
N VAL A 130 -3.63 13.40 10.27
CA VAL A 130 -3.70 13.48 11.72
C VAL A 130 -3.64 12.05 12.26
N LEU A 131 -2.61 11.72 13.02
CA LEU A 131 -2.51 10.42 13.71
C LEU A 131 -2.61 10.60 15.23
N PRO A 132 -3.49 9.84 15.91
CA PRO A 132 -3.55 9.97 17.38
C PRO A 132 -2.47 9.08 18.08
N GLY A 133 -2.49 9.02 19.42
CA GLY A 133 -1.53 8.18 20.16
C GLY A 133 -1.63 6.67 19.96
N THR A 134 -2.59 6.20 19.17
CA THR A 134 -2.70 4.80 18.76
C THR A 134 -3.20 4.80 17.33
N ARG A 135 -2.91 3.74 16.58
CA ARG A 135 -3.36 3.71 15.21
C ARG A 135 -4.58 2.81 15.09
N GLN A 136 -4.95 2.18 16.20
CA GLN A 136 -6.06 1.27 16.19
C GLN A 136 -7.36 2.01 16.43
N VAL A 137 -7.69 2.91 15.50
CA VAL A 137 -8.96 3.63 15.54
C VAL A 137 -9.50 3.66 14.12
N THR A 138 -10.82 3.58 13.97
CA THR A 138 -11.46 3.58 12.67
C THR A 138 -11.56 5.00 12.17
N VAL A 139 -11.72 5.17 10.86
CA VAL A 139 -11.94 6.48 10.25
C VAL A 139 -13.24 7.08 10.77
N GLY A 140 -14.29 6.26 10.88
CA GLY A 140 -15.54 6.68 11.50
C GLY A 140 -15.35 7.24 12.92
N GLY A 141 -14.56 6.55 13.75
CA GLY A 141 -14.19 7.05 15.09
C GLY A 141 -13.33 8.30 15.14
N ALA A 142 -12.37 8.39 14.22
CA ALA A 142 -11.55 9.58 14.02
C ALA A 142 -12.38 10.82 13.65
N ILE A 143 -13.41 10.63 12.84
CA ILE A 143 -14.30 11.75 12.47
C ILE A 143 -15.26 12.13 13.63
N ALA A 144 -15.93 11.12 14.19
CA ALA A 144 -16.96 11.32 15.21
C ALA A 144 -16.41 11.88 16.54
N CYS A 145 -15.12 11.63 16.84
CA CYS A 145 -14.45 12.24 17.98
C CYS A 145 -13.56 13.41 17.58
N ASP A 146 -13.54 13.75 16.30
CA ASP A 146 -12.67 14.81 15.75
C ASP A 146 -11.24 14.81 16.35
N ILE A 147 -10.57 13.67 16.18
CA ILE A 147 -9.30 13.42 16.80
C ILE A 147 -8.19 14.37 16.42
N HIS A 148 -7.24 14.49 17.34
CA HIS A 148 -6.09 15.37 17.21
C HIS A 148 -4.82 14.54 17.48
N GLY A 149 -3.68 15.08 17.10
CA GLY A 149 -2.40 14.44 17.42
C GLY A 149 -1.32 15.45 17.71
N LYS A 150 -0.08 14.99 17.57
CA LYS A 150 1.14 15.79 17.81
C LYS A 150 1.26 16.99 16.91
N ASN A 151 0.56 16.97 15.79
CA ASN A 151 0.65 18.04 14.83
C ASN A 151 -0.55 18.99 14.83
N HIS A 152 -1.36 18.96 15.91
CA HIS A 152 -2.58 19.79 15.93
C HIS A 152 -2.30 21.26 15.63
N HIS A 153 -1.25 21.81 16.21
CA HIS A 153 -0.95 23.24 16.10
C HIS A 153 -0.56 23.65 14.67
N SER A 154 -0.24 22.67 13.80
CA SER A 154 0.08 22.96 12.39
C SER A 154 -0.94 22.40 11.41
N ALA A 155 -1.64 21.33 11.78
CA ALA A 155 -2.57 20.59 10.89
C ALA A 155 -4.06 20.60 11.33
N GLY A 156 -4.37 21.11 12.52
CA GLY A 156 -5.72 20.96 13.10
C GLY A 156 -6.07 19.52 13.46
N SER A 157 -7.37 19.24 13.57
CA SER A 157 -7.82 17.92 13.90
C SER A 157 -8.32 17.16 12.64
N PHE A 158 -8.76 15.92 12.83
CA PHE A 158 -9.07 15.02 11.73
C PHE A 158 -10.11 15.60 10.77
N GLY A 159 -11.15 16.23 11.34
CA GLY A 159 -12.26 16.80 10.57
C GLY A 159 -11.85 17.85 9.57
N ASN A 160 -10.72 18.52 9.83
CA ASN A 160 -10.14 19.52 8.91
C ASN A 160 -9.76 18.93 7.55
N HIS A 161 -9.57 17.61 7.48
CA HIS A 161 -8.99 16.98 6.28
C HIS A 161 -9.98 16.08 5.55
N VAL A 162 -11.21 15.97 6.07
CA VAL A 162 -12.27 15.22 5.43
C VAL A 162 -12.84 16.09 4.31
N ARG A 163 -12.88 15.58 3.08
CA ARG A 163 -13.44 16.35 1.94
C ARG A 163 -14.89 15.99 1.66
N SER A 164 -15.27 14.79 2.02
CA SER A 164 -16.64 14.35 1.88
C SER A 164 -16.86 13.18 2.78
N MET A 165 -18.12 12.97 3.16
CA MET A 165 -18.53 11.75 3.82
C MET A 165 -19.93 11.38 3.41
N ASP A 166 -20.24 10.09 3.43
CA ASP A 166 -21.60 9.61 3.17
C ASP A 166 -22.18 9.19 4.51
N LEU A 167 -23.32 9.80 4.87
CA LEU A 167 -23.91 9.65 6.19
C LEU A 167 -25.29 9.03 6.07
N LEU A 168 -25.43 7.87 6.72
CA LEU A 168 -26.70 7.20 6.87
C LEU A 168 -27.47 7.90 7.99
N THR A 169 -28.55 8.59 7.62
CA THR A 169 -29.39 9.32 8.59
C THR A 169 -30.61 8.52 9.05
N ALA A 170 -31.36 9.11 9.99
CA ALA A 170 -32.58 8.55 10.60
C ALA A 170 -33.68 8.02 9.66
N ASP A 171 -33.86 8.66 8.50
CA ASP A 171 -34.85 8.19 7.51
C ASP A 171 -34.33 7.13 6.53
N GLY A 172 -33.17 6.54 6.83
CA GLY A 172 -32.56 5.49 6.00
C GLY A 172 -32.05 5.97 4.66
N GLU A 173 -31.86 7.28 4.49
CA GLU A 173 -31.24 7.84 3.30
C GLU A 173 -29.77 8.15 3.58
N ILE A 174 -28.95 7.94 2.56
CA ILE A 174 -27.53 8.22 2.61
C ILE A 174 -27.27 9.60 2.01
N ARG A 175 -26.84 10.52 2.87
CA ARG A 175 -26.55 11.89 2.45
C ARG A 175 -25.06 12.13 2.21
N HIS A 176 -24.76 12.77 1.08
CA HIS A 176 -23.40 13.11 0.67
C HIS A 176 -23.04 14.50 1.22
N LEU A 177 -22.17 14.53 2.23
CA LEU A 177 -21.86 15.76 2.93
C LEU A 177 -20.48 16.27 2.58
N THR A 178 -20.38 17.59 2.44
CA THR A 178 -19.11 18.26 2.23
C THR A 178 -18.94 19.41 3.23
N PRO A 179 -17.69 19.82 3.50
CA PRO A 179 -17.45 20.90 4.48
C PRO A 179 -17.93 22.29 4.06
N THR A 180 -18.07 22.54 2.75
CA THR A 180 -18.61 23.81 2.25
C THR A 180 -19.86 23.57 1.38
N GLY A 181 -20.65 24.60 1.15
CA GLY A 181 -21.89 24.43 0.40
C GLY A 181 -23.07 23.90 1.20
N GLU A 182 -24.17 23.57 0.51
CA GLU A 182 -25.40 22.99 1.11
C GLU A 182 -25.01 21.78 1.93
N ASP A 183 -25.72 21.53 3.04
CA ASP A 183 -25.35 20.41 3.97
C ASP A 183 -24.07 20.60 4.84
N ALA A 184 -23.34 21.72 4.68
CA ALA A 184 -22.19 22.03 5.58
C ALA A 184 -22.47 21.95 7.09
N GLU A 185 -23.64 22.43 7.50
CA GLU A 185 -24.04 22.46 8.90
C GLU A 185 -24.09 21.05 9.48
N LEU A 186 -24.66 20.11 8.74
CA LEU A 186 -24.70 18.72 9.16
C LEU A 186 -23.32 18.06 9.08
N PHE A 187 -22.52 18.42 8.08
CA PHE A 187 -21.15 17.96 7.99
C PHE A 187 -20.41 18.28 9.32
N TRP A 188 -20.43 19.56 9.65
CA TRP A 188 -19.79 20.05 10.87
C TRP A 188 -20.45 19.59 12.21
N ALA A 189 -21.69 19.14 12.20
CA ALA A 189 -22.27 18.51 13.38
C ALA A 189 -21.86 17.04 13.53
N THR A 190 -21.49 16.42 12.41
CA THR A 190 -21.10 15.04 12.40
C THR A 190 -19.66 14.94 12.91
N VAL A 191 -18.81 15.89 12.52
CA VAL A 191 -17.44 15.97 12.98
C VAL A 191 -17.54 16.28 14.48
N GLY A 192 -17.00 15.39 15.31
CA GLY A 192 -17.04 15.60 16.74
C GLY A 192 -18.41 15.28 17.32
N GLY A 193 -19.28 14.71 16.48
CA GLY A 193 -20.66 14.43 16.85
C GLY A 193 -20.92 13.14 17.60
N ASN A 194 -19.88 12.31 17.81
CA ASN A 194 -20.00 11.06 18.59
C ASN A 194 -21.04 10.06 18.09
N GLY A 195 -21.21 9.99 16.77
CA GLY A 195 -22.16 9.06 16.15
C GLY A 195 -23.62 9.47 16.21
N LEU A 196 -23.88 10.68 16.68
CA LEU A 196 -25.26 11.06 17.01
C LEU A 196 -26.01 11.73 15.84
N THR A 197 -25.37 11.85 14.67
CA THR A 197 -26.11 12.32 13.48
C THR A 197 -26.41 11.18 12.50
N GLY A 198 -25.87 9.99 12.81
CA GLY A 198 -26.02 8.82 11.97
C GLY A 198 -24.70 8.11 11.75
N ILE A 199 -24.71 7.14 10.85
CA ILE A 199 -23.56 6.29 10.62
C ILE A 199 -22.78 6.81 9.42
N ILE A 200 -21.51 7.13 9.64
CA ILE A 200 -20.61 7.49 8.55
C ILE A 200 -20.28 6.17 7.84
N MET A 201 -20.69 6.04 6.59
CA MET A 201 -20.46 4.78 5.86
C MET A 201 -19.14 4.84 5.11
N ARG A 202 -18.75 6.05 4.70
CA ARG A 202 -17.73 6.22 3.66
C ARG A 202 -17.26 7.67 3.73
N ALA A 203 -15.98 7.88 3.44
CA ALA A 203 -15.41 9.20 3.48
C ALA A 203 -14.25 9.35 2.51
N THR A 204 -14.04 10.59 2.11
CA THR A 204 -12.90 10.96 1.31
C THR A 204 -12.04 11.86 2.17
N ILE A 205 -10.75 11.54 2.26
CA ILE A 205 -9.77 12.27 3.08
C ILE A 205 -8.69 12.85 2.19
N GLU A 206 -8.36 14.12 2.41
CA GLU A 206 -7.14 14.69 1.81
C GLU A 206 -5.91 14.37 2.67
N MET A 207 -4.94 13.70 2.07
CA MET A 207 -3.71 13.30 2.75
C MET A 207 -2.61 14.34 2.58
N THR A 208 -1.59 14.20 3.40
CA THR A 208 -0.45 15.09 3.36
C THR A 208 0.64 14.41 2.48
N PRO A 209 1.20 15.14 1.49
CA PRO A 209 2.28 14.52 0.68
C PRO A 209 3.57 14.38 1.50
N THR A 210 4.30 13.32 1.22
CA THR A 210 5.54 13.04 1.92
C THR A 210 6.46 12.31 1.00
N SER A 211 7.75 12.55 1.13
CA SER A 211 8.69 11.77 0.37
C SER A 211 9.35 10.71 1.26
N THR A 212 9.13 10.76 2.58
CA THR A 212 9.71 9.75 3.48
C THR A 212 8.76 9.32 4.58
N ALA A 213 9.04 8.14 5.13
CA ALA A 213 8.35 7.66 6.33
C ALA A 213 9.09 8.08 7.64
N TYR A 214 9.99 9.06 7.57
CA TYR A 214 10.85 9.42 8.70
C TYR A 214 10.63 10.85 9.20
N PHE A 215 11.03 11.10 10.46
CA PHE A 215 11.00 12.40 11.08
C PHE A 215 12.41 12.83 11.36
N ILE A 216 12.65 14.15 11.30
CA ILE A 216 13.82 14.76 11.91
C ILE A 216 13.34 15.42 13.19
N ALA A 217 13.96 15.07 14.30
CA ALA A 217 13.41 15.38 15.61
C ALA A 217 14.42 16.08 16.49
N ASP A 218 13.95 17.10 17.20
CA ASP A 218 14.70 17.74 18.26
C ASP A 218 14.06 17.37 19.58
N GLY A 219 14.90 17.22 20.60
CA GLY A 219 14.45 16.88 21.94
C GLY A 219 14.96 17.89 22.93
N ASP A 220 14.13 18.23 23.91
CA ASP A 220 14.53 19.11 25.01
C ASP A 220 13.96 18.63 26.33
N VAL A 221 14.68 18.92 27.41
CA VAL A 221 14.34 18.52 28.77
C VAL A 221 14.33 19.82 29.57
N THR A 222 13.21 20.12 30.20
CA THR A 222 13.06 21.31 31.05
C THR A 222 13.09 20.85 32.49
N ALA A 223 13.54 21.72 33.39
CA ALA A 223 13.67 21.38 34.80
C ALA A 223 12.42 21.68 35.66
N SER A 224 11.42 22.35 35.06
CA SER A 224 10.30 22.88 35.83
C SER A 224 9.12 23.26 34.96
N LEU A 225 7.97 23.37 35.63
CA LEU A 225 6.74 23.83 35.00
C LEU A 225 6.91 25.17 34.29
N ASP A 226 7.53 26.14 34.97
CA ASP A 226 7.87 27.46 34.41
C ASP A 226 8.71 27.34 33.11
N GLU A 227 9.68 26.42 33.07
CA GLU A 227 10.51 26.26 31.86
C GLU A 227 9.74 25.62 30.72
N THR A 228 8.90 24.64 31.04
CA THR A 228 8.07 23.94 30.07
C THR A 228 7.14 24.92 29.35
N ILE A 229 6.46 25.76 30.14
CA ILE A 229 5.58 26.82 29.63
C ILE A 229 6.41 27.78 28.77
N ALA A 230 7.51 28.27 29.34
CA ALA A 230 8.45 29.18 28.66
C ALA A 230 8.87 28.67 27.29
N LEU A 231 9.20 27.38 27.20
CA LEU A 231 9.61 26.76 25.94
C LEU A 231 8.50 26.73 24.90
N HIS A 232 7.25 26.61 25.34
CA HIS A 232 6.13 26.54 24.39
C HIS A 232 5.63 27.92 23.91
N SER A 233 6.00 28.99 24.59
CA SER A 233 5.55 30.33 24.21
C SER A 233 6.66 31.25 23.73
N ASP A 234 7.88 30.74 23.62
CA ASP A 234 9.04 31.54 23.20
C ASP A 234 9.15 31.75 21.67
N GLY A 235 8.21 31.15 20.93
CA GLY A 235 8.16 31.23 19.46
C GLY A 235 8.66 30.01 18.68
N SER A 236 9.46 29.16 19.34
CA SER A 236 10.08 27.98 18.68
C SER A 236 9.08 26.97 18.10
N GLU A 237 7.85 26.99 18.60
CA GLU A 237 6.80 26.07 18.12
C GLU A 237 6.44 26.19 16.61
N ALA A 238 6.56 27.39 16.05
CA ALA A 238 6.31 27.66 14.63
C ALA A 238 7.27 26.93 13.66
N ARG A 239 8.45 26.55 14.16
CA ARG A 239 9.49 25.81 13.40
C ARG A 239 9.28 24.29 13.33
N TYR A 240 8.27 23.76 14.01
CA TYR A 240 8.04 22.32 14.07
C TYR A 240 6.61 22.02 13.70
N THR A 241 6.41 21.00 12.88
CA THR A 241 5.05 20.59 12.56
C THR A 241 4.46 19.66 13.62
N TYR A 242 5.31 18.97 14.38
CA TYR A 242 4.88 17.98 15.39
C TYR A 242 5.55 18.37 16.71
N SER A 243 4.81 18.31 17.80
CA SER A 243 5.31 18.67 19.12
C SER A 243 4.44 18.07 20.23
N SER A 244 5.05 17.41 21.20
CA SER A 244 4.39 17.02 22.46
C SER A 244 5.41 16.77 23.58
N ALA A 245 4.94 16.53 24.80
CA ALA A 245 5.85 16.39 25.95
C ALA A 245 5.32 15.41 26.98
N TRP A 246 6.23 14.64 27.56
CA TRP A 246 5.94 13.92 28.80
C TRP A 246 6.28 14.87 29.93
N PHE A 247 5.34 15.11 30.83
CA PHE A 247 5.64 15.95 31.98
C PHE A 247 5.43 15.28 33.34
N ASP A 248 6.14 15.78 34.36
CA ASP A 248 6.07 15.23 35.71
C ASP A 248 4.86 15.87 36.43
N ALA A 249 3.93 15.01 36.88
CA ALA A 249 2.79 15.47 37.68
C ALA A 249 2.83 14.99 39.15
N ILE A 250 3.93 14.33 39.53
CA ILE A 250 4.08 13.74 40.87
C ILE A 250 5.03 14.54 41.79
N SER A 251 6.15 15.05 41.26
CA SER A 251 7.11 15.75 42.13
C SER A 251 6.56 17.05 42.68
N ALA A 252 7.06 17.43 43.86
CA ALA A 252 6.80 18.74 44.47
C ALA A 252 7.42 19.83 43.56
N PRO A 253 6.88 21.08 43.59
CA PRO A 253 7.70 22.18 43.05
C PRO A 253 9.06 22.24 43.81
N PRO A 254 10.19 22.60 43.14
CA PRO A 254 10.36 23.14 41.76
C PRO A 254 10.27 22.14 40.60
N LYS A 255 10.33 20.84 40.91
CA LYS A 255 10.42 19.79 39.90
C LYS A 255 9.08 19.46 39.19
N LEU A 256 7.96 19.82 39.82
CA LEU A 256 6.64 19.65 39.23
C LEU A 256 6.56 20.29 37.83
N GLY A 257 6.12 19.53 36.83
CA GLY A 257 5.90 20.09 35.50
C GLY A 257 7.14 20.15 34.61
N ARG A 258 8.27 19.63 35.10
CA ARG A 258 9.42 19.40 34.24
C ARG A 258 8.99 18.38 33.18
N ALA A 259 9.57 18.48 31.98
CA ALA A 259 9.08 17.73 30.85
C ALA A 259 10.21 17.28 29.92
N ALA A 260 9.94 16.21 29.17
CA ALA A 260 10.79 15.80 28.05
C ALA A 260 9.98 16.14 26.79
N VAL A 261 10.46 17.15 26.07
CA VAL A 261 9.79 17.68 24.88
C VAL A 261 10.34 17.03 23.62
N SER A 262 9.44 16.53 22.78
CA SER A 262 9.78 15.90 21.53
C SER A 262 9.12 16.66 20.37
N ARG A 263 9.94 17.30 19.53
CA ARG A 263 9.47 18.15 18.43
C ARG A 263 10.15 17.80 17.11
N GLY A 264 9.42 17.89 16.02
CA GLY A 264 10.02 17.59 14.73
C GLY A 264 9.15 17.85 13.53
N ARG A 265 9.60 17.30 12.41
CA ARG A 265 8.90 17.41 11.14
C ARG A 265 9.25 16.17 10.31
N LEU A 266 8.40 15.87 9.32
CA LEU A 266 8.72 14.81 8.32
C LEU A 266 9.99 15.16 7.56
N ALA A 267 10.92 14.20 7.50
CA ALA A 267 12.17 14.32 6.73
C ALA A 267 11.90 14.34 5.20
N THR A 268 12.76 15.03 4.46
CA THR A 268 12.85 14.87 3.01
C THR A 268 13.94 13.83 2.73
N VAL A 269 13.92 13.27 1.52
CA VAL A 269 14.86 12.24 1.07
C VAL A 269 16.33 12.66 1.29
N GLU A 270 16.67 13.90 0.95
CA GLU A 270 18.08 14.37 1.07
C GLU A 270 18.54 14.52 2.53
N GLN A 271 17.61 14.48 3.48
CA GLN A 271 17.98 14.52 4.90
C GLN A 271 18.23 13.15 5.52
N LEU A 272 17.86 12.08 4.81
CA LEU A 272 18.10 10.70 5.28
C LEU A 272 19.56 10.30 5.14
N PRO A 273 20.06 9.44 6.06
CA PRO A 273 21.35 8.79 5.79
C PRO A 273 21.24 7.83 4.59
N ALA A 274 22.38 7.51 3.98
CA ALA A 274 22.44 6.71 2.75
C ALA A 274 21.83 5.31 2.87
N LYS A 275 22.06 4.64 4.00
CA LYS A 275 21.49 3.34 4.34
C LYS A 275 19.98 3.29 4.05
N LEU A 276 19.30 4.40 4.37
CA LEU A 276 17.84 4.53 4.33
C LEU A 276 17.25 5.19 3.07
N ARG A 277 18.12 5.73 2.21
CA ARG A 277 17.66 6.53 1.07
C ARG A 277 17.15 5.72 -0.13
N SER A 278 17.52 4.45 -0.17
CA SER A 278 17.03 3.52 -1.20
C SER A 278 15.53 3.18 -1.05
N GLU A 279 15.05 3.12 0.21
CA GLU A 279 13.65 2.81 0.53
C GLU A 279 13.08 3.92 1.46
N PRO A 280 12.93 5.17 0.94
CA PRO A 280 12.58 6.29 1.85
C PRO A 280 11.21 6.17 2.54
N LEU A 281 10.31 5.44 1.89
CA LEU A 281 8.92 5.29 2.33
C LEU A 281 8.60 3.93 2.93
N LYS A 282 9.61 3.10 3.19
CA LYS A 282 9.35 1.79 3.79
C LYS A 282 9.14 1.97 5.30
N PHE A 283 8.02 1.47 5.80
CA PHE A 283 7.82 1.35 7.24
C PHE A 283 7.74 -0.11 7.64
N ASP A 284 8.75 -0.54 8.40
CA ASP A 284 8.86 -1.91 8.93
C ASP A 284 9.38 -1.88 10.36
N ALA A 300 15.80 0.86 36.65
CA ALA A 300 15.73 1.25 38.10
C ALA A 300 16.96 0.76 38.89
N ASN A 301 17.98 1.63 39.00
CA ASN A 301 19.21 1.32 39.75
C ASN A 301 19.61 2.43 40.75
N LYS A 302 20.71 2.21 41.47
CA LYS A 302 21.15 3.09 42.57
C LYS A 302 21.48 4.55 42.21
N TYR A 303 21.39 4.87 40.92
CA TYR A 303 21.71 6.19 40.37
C TYR A 303 20.47 6.93 39.93
N THR A 304 19.42 6.17 39.59
CA THR A 304 18.20 6.69 38.97
C THR A 304 17.60 7.94 39.61
N PHE A 305 17.58 8.01 40.94
CA PHE A 305 16.92 9.15 41.57
C PHE A 305 17.88 10.10 42.31
N GLY A 306 19.16 10.09 41.90
CA GLY A 306 20.15 11.08 42.37
C GLY A 306 20.61 12.04 41.27
N PRO A 307 21.64 12.88 41.58
CA PRO A 307 22.24 13.83 40.61
C PRO A 307 22.75 13.24 39.28
N ILE A 308 23.38 12.00 39.36
CA ILE A 308 23.93 11.39 38.13
C ILE A 308 22.84 11.10 37.09
N GLY A 309 21.69 10.60 37.54
CA GLY A 309 20.64 10.24 36.60
C GLY A 309 19.89 11.43 36.06
N GLU A 310 19.72 12.47 36.92
CA GLU A 310 19.22 13.79 36.48
C GLU A 310 20.07 14.24 35.28
N LEU A 311 21.41 14.09 35.38
CA LEU A 311 22.30 14.40 34.26
C LEU A 311 22.09 13.53 33.04
N TRP A 312 22.10 12.18 33.29
CA TRP A 312 21.80 11.16 32.26
C TRP A 312 20.54 11.51 31.51
N TYR A 313 19.42 11.68 32.24
CA TYR A 313 18.13 11.95 31.61
C TYR A 313 18.11 13.25 30.79
N ARG A 314 18.81 14.28 31.27
CA ARG A 314 19.01 15.54 30.53
C ARG A 314 19.81 15.34 29.22
N LYS A 315 20.92 14.61 29.29
CA LYS A 315 21.75 14.30 28.11
C LYS A 315 20.93 13.53 27.07
N SER A 316 20.41 12.36 27.45
CA SER A 316 19.62 11.50 26.57
C SER A 316 18.38 12.17 25.96
N GLY A 317 17.80 13.15 26.66
CA GLY A 317 16.65 13.84 26.13
C GLY A 317 16.92 15.15 25.42
N THR A 318 18.18 15.51 25.26
CA THR A 318 18.58 16.72 24.53
C THR A 318 19.34 16.27 23.30
N TYR A 319 18.78 16.56 22.14
CA TYR A 319 19.36 16.17 20.83
C TYR A 319 18.74 17.05 19.74
N ARG A 320 19.45 17.12 18.62
CA ARG A 320 19.07 17.90 17.45
C ARG A 320 19.21 17.05 16.18
N GLY A 321 18.28 17.22 15.25
CA GLY A 321 18.31 16.53 13.94
C GLY A 321 18.49 15.02 13.94
N LYS A 322 17.82 14.33 14.86
CA LYS A 322 17.87 12.87 14.96
C LYS A 322 16.78 12.32 14.04
N VAL A 323 17.21 11.43 13.14
CA VAL A 323 16.34 10.75 12.21
C VAL A 323 15.60 9.65 12.97
N GLN A 324 14.27 9.72 13.00
CA GLN A 324 13.47 8.73 13.70
C GLN A 324 12.36 8.21 12.79
N ASN A 325 12.09 6.92 12.89
CA ASN A 325 10.88 6.36 12.25
C ASN A 325 9.68 6.63 13.14
N LEU A 326 8.48 6.34 12.61
CA LEU A 326 7.23 6.53 13.32
C LEU A 326 7.18 5.88 14.71
N THR A 327 7.64 4.63 14.80
CA THR A 327 7.70 3.92 16.08
C THR A 327 8.55 4.64 17.14
N GLN A 328 9.72 5.16 16.74
CA GLN A 328 10.63 5.89 17.65
C GLN A 328 10.12 7.28 18.03
N PHE A 329 9.56 7.99 17.05
CA PHE A 329 9.15 9.35 17.27
C PHE A 329 7.80 9.40 17.97
N TYR A 330 6.92 8.46 17.62
CA TYR A 330 5.49 8.67 17.89
C TYR A 330 4.86 7.58 18.74
N HIS A 331 5.07 6.32 18.35
CA HIS A 331 4.31 5.20 18.92
C HIS A 331 5.20 4.23 19.74
N PRO A 332 5.70 4.68 20.94
CA PRO A 332 6.52 3.73 21.72
C PRO A 332 5.67 2.70 22.47
N GLY A 347 -8.23 -0.51 36.21
CA GLY A 347 -8.13 0.22 37.51
C GLY A 347 -7.53 1.61 37.34
N PHE A 348 -7.80 2.25 36.21
CA PHE A 348 -7.25 3.58 35.87
C PHE A 348 -8.29 4.54 35.30
N LEU A 349 -8.08 5.83 35.56
CA LEU A 349 -8.96 6.86 35.06
C LEU A 349 -8.17 7.89 34.27
N GLN A 350 -8.50 7.94 33.00
CA GLN A 350 -7.91 8.84 32.03
C GLN A 350 -8.66 10.18 32.12
N TYR A 351 -7.92 11.28 32.08
CA TYR A 351 -8.53 12.58 32.20
C TYR A 351 -7.75 13.60 31.37
N GLN A 352 -8.42 14.17 30.38
CA GLN A 352 -7.81 15.10 29.47
C GLN A 352 -8.63 16.41 29.36
N PHE A 353 -7.94 17.54 29.47
CA PHE A 353 -8.58 18.83 29.34
C PHE A 353 -7.66 19.76 28.61
N VAL A 354 -8.23 20.87 28.14
CA VAL A 354 -7.47 21.95 27.56
C VAL A 354 -7.91 23.24 28.27
N ILE A 355 -6.94 24.07 28.66
CA ILE A 355 -7.14 25.41 29.21
C ILE A 355 -6.72 26.42 28.13
N PRO A 356 -7.54 27.46 27.86
CA PRO A 356 -7.20 28.45 26.79
C PRO A 356 -5.84 29.11 26.97
N THR A 357 -5.22 29.51 25.86
CA THR A 357 -3.80 29.98 25.87
C THR A 357 -3.49 31.06 26.91
N GLU A 358 -4.34 32.09 26.94
CA GLU A 358 -4.19 33.25 27.79
C GLU A 358 -4.26 32.89 29.28
N ALA A 359 -4.98 31.82 29.63
CA ALA A 359 -5.13 31.38 31.03
C ALA A 359 -3.94 30.54 31.58
N VAL A 360 -2.75 31.00 31.24
CA VAL A 360 -1.50 30.36 31.67
C VAL A 360 -1.41 30.23 33.22
N ASP A 361 -1.61 31.32 33.97
CA ASP A 361 -1.64 31.28 35.44
C ASP A 361 -2.65 30.27 36.03
N GLU A 362 -3.80 30.16 35.39
CA GLU A 362 -4.85 29.20 35.74
C GLU A 362 -4.46 27.76 35.45
N PHE A 363 -3.74 27.57 34.33
CA PHE A 363 -3.18 26.27 33.97
C PHE A 363 -2.16 25.77 34.99
N LYS A 364 -1.23 26.64 35.39
CA LYS A 364 -0.26 26.35 36.46
C LYS A 364 -0.94 25.99 37.78
N LYS A 365 -2.03 26.68 38.11
CA LYS A 365 -2.80 26.39 39.31
C LYS A 365 -3.41 24.98 39.28
N ILE A 366 -4.02 24.58 38.14
CA ILE A 366 -4.59 23.22 38.01
C ILE A 366 -3.54 22.15 38.19
N ILE A 367 -2.37 22.36 37.60
CA ILE A 367 -1.26 21.43 37.78
C ILE A 367 -0.86 21.32 39.25
N GLY A 368 -0.75 22.45 39.94
CA GLY A 368 -0.49 22.47 41.41
C GLY A 368 -1.54 21.72 42.23
N VAL A 369 -2.81 21.93 41.90
CA VAL A 369 -3.93 21.17 42.52
C VAL A 369 -3.78 19.64 42.32
N ILE A 370 -3.41 19.24 41.10
CA ILE A 370 -3.16 17.84 40.77
C ILE A 370 -2.04 17.21 41.61
N GLN A 371 -0.87 17.83 41.74
CA GLN A 371 0.18 17.12 42.51
C GLN A 371 -0.05 17.04 44.00
N ALA A 372 -0.72 18.05 44.57
CA ALA A 372 -1.01 18.10 46.05
C ALA A 372 -2.31 17.34 46.42
N SER A 373 -2.95 16.70 45.43
CA SER A 373 -4.18 15.93 45.67
C SER A 373 -3.98 14.56 46.32
N GLY A 374 -2.75 14.05 46.30
CA GLY A 374 -2.48 12.67 46.72
C GLY A 374 -2.78 11.63 45.64
N HIS A 375 -3.27 12.07 44.49
CA HIS A 375 -3.51 11.20 43.35
C HIS A 375 -2.34 11.31 42.39
N TYR A 376 -1.67 10.17 42.19
CA TYR A 376 -0.41 10.14 41.47
C TYR A 376 -0.60 9.66 40.03
N SER A 377 -0.26 10.52 39.09
CA SER A 377 -0.33 10.18 37.70
C SER A 377 1.10 10.15 37.15
N PHE A 378 1.53 8.98 36.71
CA PHE A 378 2.89 8.83 36.19
C PHE A 378 2.98 9.13 34.68
N LEU A 379 1.96 8.75 33.91
CA LEU A 379 1.96 9.00 32.46
C LEU A 379 1.16 10.21 32.05
N ASN A 380 1.86 11.26 31.63
CA ASN A 380 1.27 12.58 31.39
C ASN A 380 1.79 13.22 30.10
N VAL A 381 0.83 13.56 29.22
CA VAL A 381 1.11 14.18 27.93
C VAL A 381 0.65 15.64 27.93
N PHE A 382 1.52 16.51 27.47
CA PHE A 382 1.25 17.93 27.38
C PHE A 382 1.50 18.37 25.94
N LYS A 383 0.60 19.18 25.42
CA LYS A 383 0.76 19.75 24.10
C LYS A 383 0.12 21.13 24.09
N LEU A 384 0.66 22.07 23.31
CA LEU A 384 -0.04 23.32 23.01
C LEU A 384 -0.88 23.21 21.75
N PHE A 385 -2.23 23.23 21.86
CA PHE A 385 -3.12 23.21 20.67
C PHE A 385 -3.10 24.53 19.90
N GLY A 386 -3.23 24.46 18.55
CA GLY A 386 -3.40 25.65 17.70
C GLY A 386 -4.89 25.98 17.46
N PRO A 387 -5.21 26.71 16.36
CA PRO A 387 -6.59 27.13 16.06
C PRO A 387 -7.63 26.00 16.02
N ARG A 388 -8.82 26.26 16.56
CA ARG A 388 -9.96 25.34 16.52
C ARG A 388 -10.59 25.31 15.10
N ASN A 389 -11.48 24.34 14.85
CA ASN A 389 -12.24 24.28 13.57
C ASN A 389 -13.69 24.71 13.82
N GLN A 390 -14.56 24.58 12.84
CA GLN A 390 -15.93 25.11 13.03
C GLN A 390 -16.95 24.13 13.62
N ALA A 391 -16.53 22.89 13.92
CA ALA A 391 -17.43 21.91 14.56
C ALA A 391 -17.91 22.32 15.98
N PRO A 392 -19.24 22.34 16.24
CA PRO A 392 -19.73 22.77 17.56
C PRO A 392 -19.18 21.95 18.73
N LEU A 393 -19.07 20.63 18.57
CA LEU A 393 -18.63 19.77 19.68
C LEU A 393 -17.18 19.33 19.61
N SER A 394 -16.42 19.97 18.74
CA SER A 394 -14.98 19.70 18.63
C SER A 394 -14.29 20.07 19.95
N PHE A 395 -13.50 19.14 20.45
CA PHE A 395 -12.74 19.34 21.67
C PHE A 395 -11.62 20.41 21.64
N PRO A 396 -10.63 20.29 20.68
CA PRO A 396 -9.49 21.21 20.77
C PRO A 396 -9.87 22.69 20.61
N ILE A 397 -9.29 23.55 21.45
CA ILE A 397 -9.27 25.01 21.32
C ILE A 397 -7.80 25.45 21.54
N PRO A 398 -7.40 26.60 21.00
CA PRO A 398 -6.03 27.03 21.21
C PRO A 398 -5.72 27.08 22.72
N GLY A 399 -4.64 26.38 23.13
CA GLY A 399 -4.32 26.32 24.52
C GLY A 399 -3.62 25.08 25.01
N TRP A 400 -3.51 25.03 26.34
CA TRP A 400 -2.70 24.10 27.07
C TRP A 400 -3.48 22.83 27.29
N ASN A 401 -3.07 21.81 26.57
CA ASN A 401 -3.74 20.55 26.61
C ASN A 401 -2.97 19.55 27.43
N ILE A 402 -3.69 18.83 28.27
CA ILE A 402 -3.04 17.91 29.15
C ILE A 402 -3.84 16.63 29.33
N CYS A 403 -3.16 15.50 29.31
CA CYS A 403 -3.77 14.21 29.57
C CYS A 403 -3.08 13.53 30.72
N VAL A 404 -3.85 13.12 31.73
CA VAL A 404 -3.33 12.48 32.92
C VAL A 404 -4.03 11.16 33.11
N ASP A 405 -3.47 10.33 33.97
CA ASP A 405 -4.00 9.00 34.20
C ASP A 405 -3.88 8.62 35.67
N PHE A 406 -5.02 8.50 36.35
CA PHE A 406 -5.02 8.25 37.78
C PHE A 406 -5.45 6.84 38.07
N PRO A 407 -4.74 6.14 38.98
CA PRO A 407 -5.21 4.85 39.49
C PRO A 407 -6.46 4.98 40.37
N ILE A 408 -7.44 4.13 40.11
CA ILE A 408 -8.73 4.18 40.82
C ILE A 408 -8.56 3.85 42.29
N LYS A 409 -9.02 4.81 43.10
CA LYS A 409 -8.69 4.88 44.53
C LYS A 409 -9.77 5.70 45.25
N ASP A 410 -9.82 5.54 46.57
CA ASP A 410 -10.69 6.33 47.45
C ASP A 410 -10.51 7.83 47.24
N GLY A 411 -11.63 8.45 46.89
CA GLY A 411 -11.72 9.88 46.79
C GLY A 411 -11.53 10.43 45.41
N LEU A 412 -11.20 9.56 44.44
CA LEU A 412 -10.88 10.01 43.10
C LEU A 412 -12.08 10.61 42.36
N GLY A 413 -13.25 9.99 42.46
CA GLY A 413 -14.44 10.46 41.74
C GLY A 413 -14.78 11.88 42.19
N LYS A 414 -14.78 12.10 43.50
CA LYS A 414 -15.06 13.45 43.98
C LYS A 414 -13.96 14.47 43.64
N PHE A 415 -12.70 14.03 43.58
CA PHE A 415 -11.64 14.92 43.19
C PHE A 415 -11.68 15.34 41.69
N VAL A 416 -12.11 14.44 40.80
CA VAL A 416 -12.19 14.82 39.41
C VAL A 416 -13.39 15.73 39.10
N SER A 417 -14.48 15.58 39.84
CA SER A 417 -15.54 16.57 39.83
C SER A 417 -15.05 17.97 40.18
N GLU A 418 -14.22 18.07 41.21
CA GLU A 418 -13.63 19.36 41.59
C GLU A 418 -12.74 19.90 40.47
N LEU A 419 -12.01 18.99 39.82
CA LEU A 419 -11.21 19.34 38.66
C LEU A 419 -12.05 19.87 37.49
N ASP A 420 -13.11 19.15 37.12
CA ASP A 420 -14.14 19.64 36.18
C ASP A 420 -14.54 21.09 36.43
N ARG A 421 -14.81 21.41 37.71
CA ARG A 421 -15.21 22.73 38.13
C ARG A 421 -14.13 23.75 37.81
N ARG A 422 -12.89 23.42 38.13
CA ARG A 422 -11.76 24.31 37.84
C ARG A 422 -11.58 24.49 36.34
N VAL A 423 -11.68 23.40 35.57
CA VAL A 423 -11.46 23.44 34.13
C VAL A 423 -12.54 24.33 33.52
N LEU A 424 -13.78 24.09 33.91
CA LEU A 424 -14.92 24.91 33.47
C LEU A 424 -14.72 26.41 33.75
N GLU A 425 -14.40 26.73 35.00
CA GLU A 425 -14.22 28.14 35.45
C GLU A 425 -13.08 28.85 34.66
N PHE A 426 -12.09 28.06 34.26
CA PHE A 426 -10.97 28.58 33.50
C PHE A 426 -11.18 28.55 31.96
N GLY A 427 -12.42 28.34 31.51
CA GLY A 427 -12.79 28.47 30.10
C GLY A 427 -12.38 27.24 29.28
N GLY A 428 -12.03 26.16 29.97
CA GLY A 428 -11.54 24.96 29.30
C GLY A 428 -12.64 23.94 29.16
N ARG A 429 -12.29 22.77 28.64
CA ARG A 429 -13.28 21.68 28.50
C ARG A 429 -12.59 20.34 28.64
N LEU A 430 -13.39 19.30 28.82
CA LEU A 430 -12.91 17.92 28.82
C LEU A 430 -13.21 17.29 27.48
N TYR A 431 -12.47 16.24 27.18
CA TYR A 431 -12.57 15.45 25.94
C TYR A 431 -13.48 14.27 26.18
N THR A 432 -14.53 14.15 25.38
CA THR A 432 -15.52 13.05 25.54
C THR A 432 -14.99 11.65 25.18
N ALA A 433 -13.95 11.58 24.35
CA ALA A 433 -13.27 10.30 24.09
C ALA A 433 -12.54 9.75 25.32
N LYS A 434 -12.29 10.61 26.31
CA LYS A 434 -11.63 10.17 27.56
C LYS A 434 -12.55 10.08 28.78
N ASP A 435 -13.72 10.71 28.70
CA ASP A 435 -14.58 10.91 29.87
C ASP A 435 -15.71 9.90 29.92
N SER A 436 -16.04 9.43 31.11
CA SER A 436 -17.25 8.64 31.30
C SER A 436 -18.06 9.06 32.54
N ARG A 437 -17.62 10.12 33.20
CA ARG A 437 -18.23 10.52 34.48
C ARG A 437 -18.65 12.00 34.66
N THR A 438 -18.39 12.88 33.69
CA THR A 438 -18.85 14.27 33.82
C THR A 438 -20.40 14.41 33.68
N THR A 439 -20.95 15.43 34.31
CA THR A 439 -22.42 15.69 34.26
C THR A 439 -22.79 16.50 33.04
N ALA A 440 -24.06 16.39 32.64
CA ALA A 440 -24.67 17.18 31.57
C ALA A 440 -24.49 18.69 31.76
N GLU A 441 -24.78 19.21 32.95
CA GLU A 441 -24.64 20.62 33.25
C GLU A 441 -23.17 21.13 33.06
N THR A 442 -22.17 20.42 33.60
CA THR A 442 -20.76 20.69 33.28
C THR A 442 -20.43 20.69 31.77
N PHE A 443 -20.81 19.63 31.07
CA PHE A 443 -20.54 19.52 29.65
C PHE A 443 -21.13 20.70 28.87
N HIS A 444 -22.41 21.01 29.14
CA HIS A 444 -23.12 22.10 28.49
C HIS A 444 -22.45 23.46 28.68
N ALA A 445 -21.96 23.72 29.89
CA ALA A 445 -21.25 24.97 30.12
C ALA A 445 -19.88 24.98 29.41
N MET A 446 -19.24 23.82 29.29
CA MET A 446 -17.94 23.69 28.63
C MET A 446 -18.00 23.83 27.11
N TYR A 447 -19.15 23.50 26.54
CA TYR A 447 -19.36 23.53 25.11
C TYR A 447 -20.54 24.46 24.80
N PRO A 448 -20.28 25.76 24.79
CA PRO A 448 -21.46 26.67 24.74
C PRO A 448 -22.21 26.62 23.37
N ARG A 449 -21.64 25.95 22.38
CA ARG A 449 -22.31 25.81 21.07
C ARG A 449 -23.16 24.55 21.02
N VAL A 450 -23.36 23.92 22.18
CA VAL A 450 -24.12 22.68 22.28
C VAL A 450 -25.58 22.83 21.81
N ASP A 451 -26.26 23.91 22.24
CA ASP A 451 -27.65 24.19 21.81
C ASP A 451 -27.76 24.24 20.28
N GLU A 452 -26.80 24.90 19.64
CA GLU A 452 -26.71 25.02 18.18
C GLU A 452 -26.55 23.60 17.58
N TRP A 453 -25.64 22.80 18.14
CA TRP A 453 -25.48 21.40 17.74
C TRP A 453 -26.78 20.57 17.89
N ILE A 454 -27.35 20.58 19.10
CA ILE A 454 -28.64 19.93 19.41
C ILE A 454 -29.73 20.25 18.39
N SER A 455 -29.86 21.53 18.04
CA SER A 455 -30.74 22.03 16.96
C SER A 455 -30.49 21.29 15.62
N VAL A 456 -29.23 21.16 15.21
CA VAL A 456 -28.90 20.34 14.03
C VAL A 456 -29.36 18.88 14.22
N ARG A 457 -29.14 18.32 15.41
CA ARG A 457 -29.47 16.92 15.66
C ARG A 457 -30.97 16.64 15.59
N ARG A 458 -31.78 17.58 16.07
CA ARG A 458 -33.27 17.47 15.99
C ARG A 458 -33.81 17.39 14.57
N LYS A 459 -33.21 18.14 13.64
CA LYS A 459 -33.68 18.14 12.24
C LYS A 459 -33.32 16.84 11.55
N VAL A 460 -32.17 16.28 11.92
CA VAL A 460 -31.66 15.09 11.25
C VAL A 460 -32.14 13.80 11.93
N ASP A 461 -32.58 13.90 13.18
CA ASP A 461 -33.07 12.75 13.91
C ASP A 461 -34.26 13.10 14.83
N PRO A 462 -35.43 13.42 14.24
CA PRO A 462 -36.58 13.85 15.07
C PRO A 462 -37.02 12.79 16.10
N LEU A 463 -36.98 11.51 15.71
CA LEU A 463 -37.39 10.39 16.56
C LEU A 463 -36.28 9.78 17.46
N ARG A 464 -35.12 10.44 17.52
CA ARG A 464 -34.00 10.00 18.37
C ARG A 464 -33.59 8.53 18.08
N VAL A 465 -33.52 8.18 16.79
CA VAL A 465 -33.05 6.87 16.31
C VAL A 465 -31.59 6.61 16.77
N PHE A 466 -30.78 7.65 16.74
CA PHE A 466 -29.38 7.52 17.09
C PHE A 466 -29.18 7.98 18.52
N ALA A 467 -28.74 7.05 19.36
CA ALA A 467 -28.70 7.22 20.79
C ALA A 467 -27.58 6.39 21.40
N SER A 468 -26.99 6.90 22.47
CA SER A 468 -25.97 6.17 23.24
C SER A 468 -26.06 6.48 24.73
N ASP A 469 -25.38 5.66 25.54
CA ASP A 469 -25.23 5.88 26.96
C ASP A 469 -24.69 7.30 27.21
N MET A 470 -23.72 7.74 26.40
CA MET A 470 -23.18 9.09 26.53
C MET A 470 -24.22 10.18 26.22
N ALA A 471 -24.93 10.03 25.09
CA ALA A 471 -26.02 10.94 24.76
C ALA A 471 -27.04 11.10 25.90
N ARG A 472 -27.37 10.00 26.58
CA ARG A 472 -28.35 10.05 27.67
C ARG A 472 -27.80 10.73 28.92
N ARG A 473 -26.57 10.37 29.31
CA ARG A 473 -25.87 10.94 30.46
C ARG A 473 -25.62 12.44 30.25
N LEU A 474 -25.18 12.82 29.06
CA LEU A 474 -24.88 14.22 28.78
C LEU A 474 -26.06 15.02 28.24
N GLU A 475 -27.22 14.38 28.13
CA GLU A 475 -28.45 15.02 27.67
C GLU A 475 -28.25 15.69 26.31
N LEU A 476 -27.63 14.92 25.42
CA LEU A 476 -27.46 15.30 24.03
C LEU A 476 -28.52 14.65 23.14
N LEU A 477 -29.54 14.06 23.77
CA LEU A 477 -30.51 13.23 23.07
C LEU A 477 -31.57 14.04 22.31
N THR B 23 24.60 16.15 -18.73
CA THR B 23 23.22 15.56 -18.75
C THR B 23 23.22 14.02 -18.84
N THR B 24 24.26 13.47 -19.48
CA THR B 24 24.41 12.01 -19.67
C THR B 24 25.82 11.52 -19.28
N THR B 25 25.90 10.27 -18.80
CA THR B 25 27.18 9.64 -18.42
C THR B 25 27.50 8.45 -19.34
N ALA B 26 28.79 8.30 -19.66
CA ALA B 26 29.29 7.11 -20.36
C ALA B 26 29.34 5.92 -19.40
N THR B 27 28.67 4.83 -19.78
CA THR B 27 28.56 3.62 -18.94
C THR B 27 28.69 2.36 -19.81
N ARG B 28 29.47 1.38 -19.33
CA ARG B 28 29.51 0.04 -19.95
C ARG B 28 28.25 -0.73 -19.54
N LEU B 29 27.47 -1.09 -20.54
CA LEU B 29 26.18 -1.72 -20.34
C LEU B 29 26.18 -3.15 -20.88
N THR B 30 25.41 -4.01 -20.21
CA THR B 30 25.21 -5.42 -20.60
C THR B 30 23.73 -5.80 -20.44
N GLY B 31 23.38 -7.02 -20.84
CA GLY B 31 22.17 -7.70 -20.37
C GLY B 31 22.49 -8.39 -19.05
N TRP B 32 21.52 -9.12 -18.51
CA TRP B 32 21.70 -9.87 -17.26
C TRP B 32 22.74 -10.99 -17.35
N GLY B 33 22.97 -11.51 -18.56
CA GLY B 33 23.97 -12.56 -18.83
C GLY B 33 25.42 -12.08 -18.84
N ARG B 34 25.63 -10.80 -18.48
CA ARG B 34 26.95 -10.16 -18.33
C ARG B 34 27.91 -10.24 -19.56
N THR B 35 27.33 -10.49 -20.74
CA THR B 35 28.05 -10.65 -22.01
C THR B 35 27.59 -9.65 -23.10
N ALA B 36 28.35 -9.59 -24.21
CA ALA B 36 28.22 -8.56 -25.27
C ALA B 36 28.12 -7.11 -24.73
N PRO B 37 29.23 -6.58 -24.14
CA PRO B 37 29.15 -5.25 -23.51
C PRO B 37 29.27 -4.10 -24.53
N SER B 38 28.57 -3.00 -24.25
CA SER B 38 28.63 -1.77 -25.08
C SER B 38 28.67 -0.48 -24.24
N VAL B 39 29.19 0.59 -24.84
CA VAL B 39 29.19 1.93 -24.22
C VAL B 39 28.11 2.83 -24.83
N ALA B 40 27.32 3.44 -23.95
CA ALA B 40 26.32 4.43 -24.33
C ALA B 40 26.29 5.65 -23.40
N ASN B 41 25.74 6.76 -23.91
CA ASN B 41 25.40 7.92 -23.08
C ASN B 41 24.10 7.57 -22.34
N VAL B 42 24.15 7.58 -21.01
CA VAL B 42 23.02 7.15 -20.18
C VAL B 42 22.37 8.34 -19.50
N LEU B 43 21.13 8.65 -19.90
CA LEU B 43 20.35 9.70 -19.27
C LEU B 43 19.49 9.11 -18.15
N ARG B 44 19.63 9.69 -16.96
CA ARG B 44 19.05 9.18 -15.73
C ARG B 44 18.39 10.31 -14.96
N THR B 45 17.12 10.59 -15.25
CA THR B 45 16.42 11.75 -14.66
C THR B 45 15.01 11.41 -14.16
N PRO B 46 14.64 11.90 -12.95
CA PRO B 46 13.27 11.71 -12.45
C PRO B 46 12.26 12.60 -13.17
N ASP B 47 12.76 13.37 -14.15
CA ASP B 47 12.01 14.44 -14.77
C ASP B 47 11.55 14.07 -16.18
N ALA B 48 10.24 13.89 -16.34
CA ALA B 48 9.61 13.51 -17.60
C ALA B 48 9.86 14.49 -18.74
N GLU B 49 9.89 15.77 -18.42
CA GLU B 49 10.19 16.84 -19.39
C GLU B 49 11.60 16.75 -19.97
N MET B 50 12.59 16.34 -19.17
CA MET B 50 13.98 16.18 -19.62
C MET B 50 14.16 14.99 -20.57
N ILE B 51 13.29 13.98 -20.43
CA ILE B 51 13.27 12.84 -21.35
C ILE B 51 12.68 13.26 -22.69
N VAL B 52 11.58 14.02 -22.66
CA VAL B 52 10.98 14.59 -23.88
C VAL B 52 12.00 15.39 -24.72
N LYS B 53 12.75 16.25 -24.04
CA LYS B 53 13.76 17.08 -24.69
C LYS B 53 14.95 16.28 -25.24
N ALA B 54 15.37 15.27 -24.48
CA ALA B 54 16.47 14.38 -24.90
C ALA B 54 16.16 13.65 -26.21
N VAL B 55 14.87 13.30 -26.38
CA VAL B 55 14.36 12.66 -27.60
C VAL B 55 14.37 13.64 -28.79
N ALA B 56 13.88 14.87 -28.58
CA ALA B 56 13.93 15.93 -29.60
C ALA B 56 15.37 16.27 -30.02
N ARG B 57 16.29 16.20 -29.05
CA ARG B 57 17.72 16.41 -29.27
C ARG B 57 18.34 15.30 -30.14
N VAL B 58 17.81 14.07 -30.03
CA VAL B 58 18.23 12.95 -30.87
C VAL B 58 17.53 12.99 -32.26
N ALA B 59 16.27 13.50 -32.25
CA ALA B 59 15.47 13.64 -33.49
C ALA B 59 16.00 14.73 -34.42
N GLU B 60 16.29 15.91 -33.84
CA GLU B 60 16.76 17.09 -34.59
C GLU B 60 18.24 17.03 -35.00
N SER B 61 19.00 16.11 -34.40
CA SER B 61 20.40 15.87 -34.73
C SER B 61 20.56 15.30 -36.15
N GLY B 62 19.89 14.19 -36.43
CA GLY B 62 19.97 13.52 -37.73
C GLY B 62 19.89 12.00 -37.62
N GLY B 63 18.97 11.52 -36.77
CA GLY B 63 18.77 10.09 -36.54
C GLY B 63 19.87 9.48 -35.69
N GLY B 64 21.08 9.41 -36.28
CA GLY B 64 22.29 8.94 -35.61
C GLY B 64 22.20 7.51 -35.12
N ARG B 65 22.80 7.24 -33.96
CA ARG B 65 22.68 5.94 -33.32
C ARG B 65 21.42 5.83 -32.44
N GLY B 66 20.57 6.87 -32.48
CA GLY B 66 19.26 6.83 -31.86
C GLY B 66 19.23 6.75 -30.34
N ALA B 67 18.11 6.26 -29.82
CA ALA B 67 17.92 6.11 -28.38
C ALA B 67 17.07 4.90 -28.07
N ILE B 68 17.34 4.26 -26.93
CA ILE B 68 16.46 3.21 -26.43
C ILE B 68 16.16 3.42 -24.93
N ALA B 69 15.00 2.92 -24.47
CA ALA B 69 14.70 2.90 -23.02
C ALA B 69 15.30 1.67 -22.35
N ARG B 70 15.70 1.85 -21.10
CA ARG B 70 16.12 0.75 -20.25
C ARG B 70 15.30 0.78 -18.96
N GLY B 71 14.97 -0.41 -18.46
CA GLY B 71 14.30 -0.57 -17.16
C GLY B 71 15.32 -1.06 -16.15
N LEU B 72 15.05 -2.17 -15.50
CA LEU B 72 16.02 -2.73 -14.56
C LEU B 72 17.12 -3.61 -15.15
N GLY B 73 17.19 -3.69 -16.49
CA GLY B 73 18.26 -4.39 -17.21
C GLY B 73 18.22 -5.89 -16.98
N ARG B 74 17.04 -6.44 -16.72
CA ARG B 74 16.94 -7.87 -16.48
C ARG B 74 16.84 -8.73 -17.74
N SER B 75 16.71 -8.10 -18.92
CA SER B 75 16.81 -8.83 -20.20
C SER B 75 18.21 -9.36 -20.36
N TYR B 76 18.33 -10.64 -20.70
CA TYR B 76 19.62 -11.29 -21.00
C TYR B 76 20.21 -10.75 -22.30
N GLY B 77 19.33 -10.31 -23.20
CA GLY B 77 19.70 -9.83 -24.52
C GLY B 77 20.17 -8.38 -24.57
N ASP B 78 20.37 -7.91 -25.81
CA ASP B 78 20.85 -6.55 -26.08
C ASP B 78 19.73 -5.58 -26.56
N ASN B 79 18.48 -5.90 -26.21
CA ASN B 79 17.36 -5.00 -26.48
C ASN B 79 17.37 -3.68 -25.68
N ALA B 80 18.12 -3.62 -24.59
CA ALA B 80 18.19 -2.40 -23.75
C ALA B 80 19.58 -1.75 -23.69
N GLN B 81 20.38 -2.00 -24.72
CA GLN B 81 21.61 -1.27 -24.91
C GLN B 81 21.66 -0.66 -26.31
N ASN B 82 22.39 0.44 -26.45
CA ASN B 82 22.46 1.17 -27.69
C ASN B 82 23.86 1.72 -27.91
N GLY B 83 24.72 0.85 -28.47
CA GLY B 83 26.12 1.15 -28.75
C GLY B 83 26.26 2.45 -29.51
N GLY B 84 27.07 3.37 -28.93
CA GLY B 84 27.33 4.69 -29.51
C GLY B 84 26.13 5.63 -29.57
N GLY B 85 25.08 5.30 -28.81
CA GLY B 85 23.83 6.10 -28.78
C GLY B 85 23.35 6.45 -27.39
N LEU B 86 22.11 6.94 -27.31
CA LEU B 86 21.52 7.31 -26.03
C LEU B 86 20.70 6.17 -25.41
N VAL B 87 20.94 5.93 -24.12
CA VAL B 87 20.13 5.01 -23.33
C VAL B 87 19.42 5.84 -22.25
N ILE B 88 18.09 5.74 -22.22
CA ILE B 88 17.30 6.44 -21.21
C ILE B 88 16.84 5.47 -20.12
N ASP B 89 17.45 5.61 -18.94
CA ASP B 89 17.14 4.76 -17.77
C ASP B 89 15.84 5.28 -17.17
N MET B 90 14.84 4.41 -17.13
CA MET B 90 13.48 4.77 -16.72
C MET B 90 13.16 4.55 -15.24
N THR B 91 14.05 3.86 -14.53
CA THR B 91 13.84 3.54 -13.09
C THR B 91 13.56 4.74 -12.16
N PRO B 92 14.11 5.96 -12.46
CA PRO B 92 13.69 7.08 -11.61
C PRO B 92 12.26 7.54 -11.83
N LEU B 93 11.64 7.17 -12.95
CA LEU B 93 10.21 7.49 -13.14
C LEU B 93 9.31 6.41 -12.54
N ASN B 94 9.16 6.43 -11.22
CA ASN B 94 8.56 5.30 -10.49
C ASN B 94 7.37 5.69 -9.60
N THR B 95 6.54 6.59 -10.09
CA THR B 95 5.40 7.07 -9.33
C THR B 95 4.19 6.17 -9.54
N ILE B 96 3.57 5.74 -8.45
CA ILE B 96 2.26 5.09 -8.53
C ILE B 96 1.22 6.21 -8.41
N HIS B 97 0.45 6.43 -9.49
CA HIS B 97 -0.49 7.57 -9.55
C HIS B 97 -1.82 7.27 -8.89
N SER B 98 -2.40 6.10 -9.13
CA SER B 98 -3.65 5.72 -8.48
C SER B 98 -3.89 4.23 -8.52
N ILE B 99 -4.72 3.75 -7.59
CA ILE B 99 -5.18 2.38 -7.58
C ILE B 99 -6.63 2.49 -7.19
N ASP B 100 -7.48 1.75 -7.87
CA ASP B 100 -8.91 1.74 -7.59
C ASP B 100 -9.41 0.29 -7.38
N ALA B 101 -9.84 -0.06 -6.18
CA ALA B 101 -10.28 -1.45 -5.94
C ALA B 101 -11.59 -1.84 -6.65
N ASP B 102 -12.44 -0.86 -6.95
CA ASP B 102 -13.73 -1.10 -7.62
C ASP B 102 -13.54 -1.44 -9.11
N THR B 103 -12.78 -0.62 -9.85
CA THR B 103 -12.49 -0.91 -11.29
C THR B 103 -11.28 -1.82 -11.52
N LYS B 104 -10.50 -2.05 -10.45
CA LYS B 104 -9.30 -2.88 -10.44
C LYS B 104 -8.21 -2.34 -11.35
N LEU B 105 -8.21 -1.02 -11.53
CA LEU B 105 -7.26 -0.32 -12.36
C LEU B 105 -6.17 0.33 -11.52
N VAL B 106 -4.95 0.20 -12.01
CA VAL B 106 -3.80 0.81 -11.39
C VAL B 106 -3.14 1.68 -12.46
N ASP B 107 -2.72 2.87 -12.06
CA ASP B 107 -2.17 3.84 -12.96
C ASP B 107 -0.74 4.18 -12.48
N ILE B 108 0.27 3.81 -13.26
CA ILE B 108 1.66 3.89 -12.85
C ILE B 108 2.59 4.42 -13.91
N ASP B 109 3.67 5.05 -13.50
CA ASP B 109 4.79 5.40 -14.39
C ASP B 109 5.50 4.12 -14.81
N ALA B 110 6.13 4.17 -15.98
CA ALA B 110 6.73 2.97 -16.60
C ALA B 110 7.92 2.45 -15.83
N GLY B 111 8.53 3.31 -15.02
CA GLY B 111 9.62 2.91 -14.17
C GLY B 111 9.25 2.16 -12.90
N VAL B 112 7.95 2.03 -12.57
CA VAL B 112 7.63 1.24 -11.37
C VAL B 112 7.97 -0.25 -11.60
N ASN B 113 8.60 -0.88 -10.61
CA ASN B 113 8.87 -2.30 -10.73
C ASN B 113 7.72 -3.13 -10.19
N LEU B 114 7.65 -4.39 -10.62
CA LEU B 114 6.56 -5.28 -10.23
C LEU B 114 6.51 -5.62 -8.74
N ASP B 115 7.65 -5.54 -8.03
CA ASP B 115 7.70 -5.75 -6.59
C ASP B 115 7.00 -4.61 -5.81
N GLN B 116 7.40 -3.37 -6.09
CA GLN B 116 6.75 -2.16 -5.60
C GLN B 116 5.24 -2.17 -5.97
N LEU B 117 4.90 -2.53 -7.22
CA LEU B 117 3.51 -2.62 -7.62
C LEU B 117 2.70 -3.67 -6.82
N MET B 118 3.26 -4.87 -6.73
CA MET B 118 2.63 -5.91 -5.94
C MET B 118 2.37 -5.46 -4.50
N LYS B 119 3.36 -4.82 -3.87
CA LYS B 119 3.21 -4.43 -2.48
C LYS B 119 2.21 -3.29 -2.32
N ALA B 120 2.20 -2.34 -3.23
CA ALA B 120 1.23 -1.25 -3.20
C ALA B 120 -0.20 -1.73 -3.39
N ALA B 121 -0.40 -2.78 -4.20
CA ALA B 121 -1.76 -3.19 -4.64
C ALA B 121 -2.46 -4.23 -3.76
N LEU B 122 -1.69 -5.07 -3.06
CA LEU B 122 -2.25 -6.08 -2.12
C LEU B 122 -3.27 -5.57 -1.10
N PRO B 123 -3.00 -4.40 -0.45
CA PRO B 123 -4.01 -3.91 0.52
C PRO B 123 -5.37 -3.54 -0.12
N PHE B 124 -5.43 -3.47 -1.44
CA PHE B 124 -6.69 -3.23 -2.11
C PHE B 124 -7.36 -4.53 -2.52
N GLY B 125 -6.76 -5.67 -2.17
CA GLY B 125 -7.22 -6.96 -2.66
C GLY B 125 -6.99 -7.15 -4.17
N LEU B 126 -5.83 -6.69 -4.65
CA LEU B 126 -5.52 -6.74 -6.06
C LEU B 126 -4.16 -7.38 -6.27
N TRP B 127 -4.08 -8.23 -7.28
CA TRP B 127 -2.92 -9.07 -7.57
C TRP B 127 -2.42 -8.72 -8.96
N VAL B 128 -1.10 -8.57 -9.09
CA VAL B 128 -0.42 -8.38 -10.38
C VAL B 128 -0.74 -9.59 -11.26
N PRO B 129 -1.36 -9.35 -12.43
CA PRO B 129 -2.01 -10.44 -13.17
C PRO B 129 -1.01 -11.37 -13.86
N VAL B 130 0.19 -10.89 -14.14
CA VAL B 130 1.23 -11.72 -14.69
C VAL B 130 2.52 -11.35 -13.97
N LEU B 131 3.08 -12.30 -13.23
CA LEU B 131 4.42 -12.12 -12.62
C LEU B 131 5.40 -13.08 -13.28
N PRO B 132 6.58 -12.59 -13.66
CA PRO B 132 7.62 -13.43 -14.20
C PRO B 132 8.41 -14.12 -13.07
N GLY B 133 9.49 -14.82 -13.41
CA GLY B 133 10.38 -15.44 -12.43
C GLY B 133 10.97 -14.51 -11.37
N THR B 134 11.38 -13.31 -11.77
CA THR B 134 11.87 -12.32 -10.81
C THR B 134 10.86 -11.19 -10.73
N ARG B 135 10.84 -10.47 -9.61
CA ARG B 135 9.92 -9.35 -9.43
C ARG B 135 10.61 -8.02 -9.78
N GLN B 136 11.92 -8.10 -10.01
CA GLN B 136 12.75 -6.93 -10.28
C GLN B 136 12.73 -6.56 -11.76
N VAL B 137 11.52 -6.28 -12.26
CA VAL B 137 11.34 -5.80 -13.63
C VAL B 137 10.41 -4.60 -13.62
N THR B 138 10.66 -3.64 -14.50
CA THR B 138 9.76 -2.49 -14.62
C THR B 138 8.53 -2.85 -15.42
N VAL B 139 7.50 -2.01 -15.29
CA VAL B 139 6.26 -2.13 -16.07
C VAL B 139 6.52 -1.94 -17.55
N GLY B 140 7.38 -0.96 -17.86
CA GLY B 140 7.81 -0.66 -19.21
C GLY B 140 8.49 -1.86 -19.88
N GLY B 141 9.37 -2.53 -19.15
CA GLY B 141 10.04 -3.76 -19.60
C GLY B 141 9.08 -4.94 -19.72
N ALA B 142 8.14 -5.05 -18.77
CA ALA B 142 7.11 -6.05 -18.77
C ALA B 142 6.26 -5.96 -20.04
N ILE B 143 5.87 -4.74 -20.39
CA ILE B 143 5.11 -4.50 -21.61
C ILE B 143 5.96 -4.75 -22.88
N ALA B 144 7.15 -4.17 -22.94
CA ALA B 144 7.98 -4.22 -24.15
C ALA B 144 8.51 -5.63 -24.47
N CYS B 145 8.68 -6.47 -23.46
CA CYS B 145 8.94 -7.88 -23.67
C CYS B 145 7.69 -8.77 -23.61
N ASP B 146 6.51 -8.17 -23.44
CA ASP B 146 5.22 -8.93 -23.26
C ASP B 146 5.44 -10.20 -22.40
N ILE B 147 5.80 -10.00 -21.13
CA ILE B 147 6.24 -11.10 -20.29
C ILE B 147 5.13 -12.07 -19.94
N HIS B 148 5.50 -13.30 -19.63
CA HIS B 148 4.55 -14.33 -19.30
C HIS B 148 5.04 -14.94 -18.01
N GLY B 149 4.21 -15.74 -17.39
CA GLY B 149 4.65 -16.47 -16.20
C GLY B 149 4.00 -17.81 -16.08
N LYS B 150 3.96 -18.27 -14.83
CA LYS B 150 3.42 -19.55 -14.42
C LYS B 150 1.91 -19.69 -14.73
N ASN B 151 1.23 -18.58 -14.94
CA ASN B 151 -0.21 -18.60 -15.21
C ASN B 151 -0.60 -18.27 -16.63
N HIS B 152 0.35 -18.38 -17.56
CA HIS B 152 0.06 -18.03 -18.97
C HIS B 152 -1.14 -18.75 -19.53
N HIS B 153 -1.27 -20.03 -19.21
CA HIS B 153 -2.36 -20.88 -19.77
C HIS B 153 -3.74 -20.38 -19.35
N SER B 154 -3.81 -19.65 -18.25
CA SER B 154 -5.10 -19.13 -17.79
C SER B 154 -5.21 -17.62 -17.93
N ALA B 155 -4.10 -16.88 -17.95
CA ALA B 155 -4.20 -15.39 -17.88
C ALA B 155 -3.55 -14.64 -19.05
N GLY B 156 -2.96 -15.36 -19.99
CA GLY B 156 -2.23 -14.74 -21.10
C GLY B 156 -0.94 -14.08 -20.65
N SER B 157 -0.40 -13.22 -21.50
CA SER B 157 0.80 -12.50 -21.12
C SER B 157 0.44 -11.11 -20.59
N PHE B 158 1.45 -10.34 -20.16
CA PHE B 158 1.27 -9.05 -19.53
C PHE B 158 0.46 -8.07 -20.40
N GLY B 159 0.75 -8.04 -21.70
CA GLY B 159 0.05 -7.16 -22.64
C GLY B 159 -1.45 -7.30 -22.61
N ASN B 160 -1.95 -8.52 -22.30
CA ASN B 160 -3.38 -8.80 -22.20
C ASN B 160 -4.10 -7.97 -21.13
N HIS B 161 -3.34 -7.38 -20.19
CA HIS B 161 -3.92 -6.75 -19.02
C HIS B 161 -3.74 -5.23 -19.03
N VAL B 162 -3.07 -4.72 -20.06
CA VAL B 162 -2.83 -3.30 -20.20
C VAL B 162 -4.06 -2.69 -20.83
N ARG B 163 -4.62 -1.71 -20.15
CA ARG B 163 -5.85 -1.07 -20.62
C ARG B 163 -5.54 0.20 -21.35
N SER B 164 -4.41 0.78 -21.06
CA SER B 164 -3.97 1.98 -21.77
C SER B 164 -2.51 2.24 -21.48
N MET B 165 -1.84 2.95 -22.38
CA MET B 165 -0.50 3.41 -22.14
C MET B 165 -0.23 4.74 -22.81
N ASP B 166 0.75 5.46 -22.27
CA ASP B 166 1.17 6.74 -22.81
C ASP B 166 2.58 6.56 -23.36
N LEU B 167 2.68 6.81 -24.66
CA LEU B 167 3.87 6.49 -25.41
C LEU B 167 4.42 7.78 -26.00
N LEU B 168 5.66 8.10 -25.64
CA LEU B 168 6.37 9.19 -26.26
C LEU B 168 6.91 8.71 -27.59
N THR B 169 6.47 9.36 -28.66
CA THR B 169 6.93 9.05 -30.01
C THR B 169 8.05 9.99 -30.49
N ALA B 170 8.71 9.54 -31.55
CA ALA B 170 9.84 10.21 -32.21
C ALA B 170 9.68 11.68 -32.56
N ASP B 171 8.44 12.12 -32.82
CA ASP B 171 8.15 13.54 -33.09
C ASP B 171 7.89 14.38 -31.80
N GLY B 172 8.15 13.78 -30.63
CA GLY B 172 8.04 14.49 -29.35
C GLY B 172 6.65 14.50 -28.75
N GLU B 173 5.67 13.96 -29.49
CA GLU B 173 4.30 13.82 -29.00
C GLU B 173 4.12 12.57 -28.08
N ILE B 174 3.24 12.70 -27.09
CA ILE B 174 2.90 11.61 -26.20
C ILE B 174 1.50 11.11 -26.56
N ARG B 175 1.44 9.95 -27.22
CA ARG B 175 0.18 9.34 -27.68
C ARG B 175 -0.47 8.42 -26.62
N HIS B 176 -1.79 8.45 -26.56
CA HIS B 176 -2.60 7.63 -25.67
C HIS B 176 -3.17 6.42 -26.43
N LEU B 177 -2.72 5.23 -26.06
CA LEU B 177 -3.05 4.02 -26.80
C LEU B 177 -3.94 3.12 -25.97
N THR B 178 -4.90 2.48 -26.62
CA THR B 178 -5.78 1.51 -25.98
C THR B 178 -5.78 0.24 -26.85
N PRO B 179 -6.11 -0.94 -26.27
CA PRO B 179 -6.14 -2.19 -27.05
C PRO B 179 -7.21 -2.29 -28.13
N THR B 180 -8.24 -1.47 -28.05
CA THR B 180 -9.33 -1.41 -29.05
C THR B 180 -9.56 0.04 -29.46
N GLY B 181 -10.48 0.28 -30.37
CA GLY B 181 -10.59 1.61 -31.01
C GLY B 181 -9.39 1.93 -31.90
N GLU B 182 -9.34 3.19 -32.38
CA GLU B 182 -8.23 3.69 -33.23
C GLU B 182 -6.92 3.63 -32.45
N ASP B 183 -5.79 3.61 -33.17
CA ASP B 183 -4.46 3.42 -32.54
C ASP B 183 -4.20 2.03 -31.86
N ALA B 184 -5.12 1.09 -32.04
CA ALA B 184 -4.94 -0.31 -31.59
C ALA B 184 -3.71 -0.97 -32.22
N GLU B 185 -3.45 -0.66 -33.49
CA GLU B 185 -2.32 -1.27 -34.21
C GLU B 185 -0.97 -0.87 -33.58
N LEU B 186 -0.83 0.41 -33.26
CA LEU B 186 0.36 0.88 -32.56
C LEU B 186 0.45 0.30 -31.12
N PHE B 187 -0.69 0.21 -30.43
CA PHE B 187 -0.75 -0.43 -29.11
C PHE B 187 -0.17 -1.85 -29.15
N TRP B 188 -0.68 -2.65 -30.07
CA TRP B 188 -0.21 -4.03 -30.20
C TRP B 188 1.22 -4.18 -30.77
N ALA B 189 1.72 -3.16 -31.46
CA ALA B 189 3.13 -3.13 -31.87
C ALA B 189 4.04 -2.80 -30.71
N THR B 190 3.52 -2.03 -29.75
CA THR B 190 4.30 -1.60 -28.60
C THR B 190 4.46 -2.76 -27.62
N VAL B 191 3.38 -3.52 -27.42
CA VAL B 191 3.42 -4.77 -26.65
C VAL B 191 4.33 -5.72 -27.40
N GLY B 192 5.41 -6.16 -26.76
CA GLY B 192 6.36 -7.05 -27.36
C GLY B 192 7.29 -6.32 -28.32
N GLY B 193 7.20 -5.00 -28.34
CA GLY B 193 7.91 -4.22 -29.32
C GLY B 193 9.31 -3.80 -28.98
N ASN B 194 9.81 -4.31 -27.84
CA ASN B 194 11.18 -4.11 -27.38
C ASN B 194 11.68 -2.67 -27.34
N GLY B 195 10.78 -1.75 -26.97
CA GLY B 195 11.08 -0.33 -26.91
C GLY B 195 11.16 0.43 -28.22
N LEU B 196 10.86 -0.23 -29.34
CA LEU B 196 11.15 0.33 -30.66
C LEU B 196 10.02 1.13 -31.31
N THR B 197 8.88 1.28 -30.62
CA THR B 197 7.87 2.25 -31.04
C THR B 197 8.00 3.59 -30.28
N GLY B 198 8.81 3.59 -29.22
CA GLY B 198 9.06 4.77 -28.40
C GLY B 198 9.17 4.48 -26.91
N ILE B 199 9.00 5.52 -26.10
CA ILE B 199 9.12 5.41 -24.65
C ILE B 199 7.72 5.34 -24.00
N ILE B 200 7.44 4.21 -23.36
CA ILE B 200 6.24 4.09 -22.56
C ILE B 200 6.48 4.92 -21.29
N MET B 201 5.65 5.93 -21.07
CA MET B 201 5.81 6.86 -19.95
C MET B 201 4.93 6.44 -18.77
N ARG B 202 3.77 5.87 -19.08
CA ARG B 202 2.70 5.67 -18.12
C ARG B 202 1.75 4.62 -18.69
N ALA B 203 1.20 3.78 -17.81
CA ALA B 203 0.28 2.73 -18.24
C ALA B 203 -0.82 2.53 -17.21
N THR B 204 -1.98 2.10 -17.69
CA THR B 204 -3.06 1.61 -16.83
C THR B 204 -3.16 0.09 -16.99
N ILE B 205 -3.14 -0.62 -15.87
CA ILE B 205 -3.16 -2.07 -15.84
C ILE B 205 -4.41 -2.50 -15.09
N GLU B 206 -5.11 -3.50 -15.62
CA GLU B 206 -6.22 -4.14 -14.93
C GLU B 206 -5.70 -5.31 -14.08
N MET B 207 -5.99 -5.26 -12.79
CA MET B 207 -5.41 -6.22 -11.87
C MET B 207 -6.37 -7.35 -11.63
N THR B 208 -5.86 -8.42 -11.06
CA THR B 208 -6.71 -9.55 -10.72
C THR B 208 -7.17 -9.39 -9.27
N PRO B 209 -8.49 -9.51 -9.01
CA PRO B 209 -8.96 -9.46 -7.62
C PRO B 209 -8.55 -10.72 -6.84
N THR B 210 -8.15 -10.52 -5.59
CA THR B 210 -7.78 -11.60 -4.70
C THR B 210 -8.19 -11.26 -3.28
N SER B 211 -8.54 -12.28 -2.52
CA SER B 211 -8.85 -12.07 -1.11
C SER B 211 -7.65 -12.44 -0.22
N THR B 212 -6.63 -13.09 -0.80
CA THR B 212 -5.40 -13.42 -0.04
C THR B 212 -4.11 -13.19 -0.81
N ALA B 213 -2.99 -13.13 -0.11
CA ALA B 213 -1.67 -13.19 -0.77
C ALA B 213 -1.07 -14.61 -0.86
N TYR B 214 -1.90 -15.63 -0.68
CA TYR B 214 -1.40 -17.01 -0.61
C TYR B 214 -1.92 -17.88 -1.70
N PHE B 215 -1.19 -18.97 -1.93
CA PHE B 215 -1.49 -20.00 -2.91
C PHE B 215 -1.86 -21.30 -2.22
N ILE B 216 -2.75 -22.04 -2.86
CA ILE B 216 -3.00 -23.43 -2.50
C ILE B 216 -2.36 -24.28 -3.57
N ALA B 217 -1.42 -25.14 -3.17
CA ALA B 217 -0.56 -25.84 -4.12
C ALA B 217 -0.69 -27.35 -4.08
N ASP B 218 -0.73 -27.94 -5.27
CA ASP B 218 -0.57 -29.36 -5.49
C ASP B 218 0.75 -29.64 -6.20
N GLY B 219 1.41 -30.71 -5.77
CA GLY B 219 2.67 -31.15 -6.33
C GLY B 219 2.53 -32.55 -6.87
N ASP B 220 3.17 -32.81 -8.00
CA ASP B 220 3.21 -34.13 -8.59
C ASP B 220 4.59 -34.44 -9.12
N VAL B 221 4.89 -35.72 -9.24
CA VAL B 221 6.08 -36.15 -9.97
C VAL B 221 5.69 -37.12 -11.07
N THR B 222 6.53 -37.18 -12.09
CA THR B 222 6.40 -38.15 -13.18
C THR B 222 7.73 -38.88 -13.30
N ALA B 223 7.70 -40.08 -13.90
CA ALA B 223 8.87 -40.93 -14.08
C ALA B 223 9.59 -40.76 -15.43
N SER B 224 8.92 -40.18 -16.43
CA SER B 224 9.46 -40.04 -17.79
C SER B 224 8.86 -38.88 -18.55
N LEU B 225 9.47 -38.56 -19.71
CA LEU B 225 8.97 -37.53 -20.60
C LEU B 225 7.51 -37.78 -21.03
N ASP B 226 7.21 -39.03 -21.35
CA ASP B 226 5.88 -39.46 -21.76
C ASP B 226 4.81 -39.12 -20.71
N GLU B 227 5.10 -39.41 -19.44
CA GLU B 227 4.17 -39.09 -18.36
C GLU B 227 4.04 -37.60 -18.17
N THR B 228 5.16 -36.89 -18.31
CA THR B 228 5.16 -35.42 -18.19
C THR B 228 4.19 -34.78 -19.22
N ILE B 229 4.30 -35.23 -20.46
CA ILE B 229 3.40 -34.80 -21.56
C ILE B 229 1.92 -35.14 -21.29
N ALA B 230 1.65 -36.39 -20.89
CA ALA B 230 0.30 -36.88 -20.62
C ALA B 230 -0.37 -36.09 -19.51
N LEU B 231 0.37 -35.83 -18.42
CA LEU B 231 -0.11 -35.06 -17.30
C LEU B 231 -0.52 -33.64 -17.71
N HIS B 232 0.16 -33.10 -18.73
CA HIS B 232 -0.16 -31.77 -19.23
C HIS B 232 -1.30 -31.73 -20.26
N SER B 233 -1.66 -32.88 -20.81
CA SER B 233 -2.79 -32.95 -21.75
C SER B 233 -3.85 -33.95 -21.32
N ASP B 234 -4.08 -34.08 -20.02
CA ASP B 234 -5.11 -35.00 -19.50
C ASP B 234 -6.39 -34.28 -19.06
N GLY B 235 -6.36 -32.94 -19.14
CA GLY B 235 -7.49 -32.12 -18.69
C GLY B 235 -7.26 -31.37 -17.38
N SER B 236 -6.55 -32.01 -16.44
CA SER B 236 -6.27 -31.46 -15.10
C SER B 236 -5.71 -30.04 -15.06
N GLU B 237 -4.97 -29.69 -16.10
CA GLU B 237 -4.41 -28.35 -16.27
C GLU B 237 -5.47 -27.22 -16.20
N ALA B 238 -6.69 -27.55 -16.59
CA ALA B 238 -7.86 -26.67 -16.45
C ALA B 238 -8.27 -26.35 -14.97
N ARG B 239 -7.86 -27.20 -14.01
CA ARG B 239 -8.18 -26.99 -12.57
C ARG B 239 -7.23 -26.03 -11.82
N TYR B 240 -6.19 -25.57 -12.50
CA TYR B 240 -5.15 -24.77 -11.88
C TYR B 240 -4.90 -23.52 -12.69
N THR B 241 -4.86 -22.38 -12.02
CA THR B 241 -4.54 -21.14 -12.70
C THR B 241 -3.02 -21.00 -12.91
N TYR B 242 -2.22 -21.63 -12.04
CA TYR B 242 -0.76 -21.53 -12.07
C TYR B 242 -0.11 -22.89 -12.23
N SER B 243 0.85 -23.02 -13.16
CA SER B 243 1.51 -24.32 -13.39
C SER B 243 2.89 -24.26 -14.04
N SER B 244 3.82 -25.05 -13.51
CA SER B 244 5.12 -25.24 -14.15
C SER B 244 5.83 -26.44 -13.54
N ALA B 245 6.91 -26.86 -14.18
CA ALA B 245 7.60 -28.08 -13.83
C ALA B 245 9.09 -27.84 -13.93
N TRP B 246 9.84 -28.40 -12.98
CA TRP B 246 11.28 -28.59 -13.14
C TRP B 246 11.43 -29.93 -13.83
N PHE B 247 12.24 -30.01 -14.89
CA PHE B 247 12.45 -31.31 -15.54
C PHE B 247 13.91 -31.72 -15.64
N ASP B 248 14.10 -33.04 -15.68
CA ASP B 248 15.39 -33.67 -15.79
C ASP B 248 15.81 -33.73 -17.27
N ALA B 249 16.88 -33.02 -17.59
CA ALA B 249 17.41 -32.93 -18.95
C ALA B 249 18.74 -33.67 -19.10
N ILE B 250 19.16 -34.37 -18.05
CA ILE B 250 20.50 -34.97 -17.91
C ILE B 250 20.53 -36.51 -17.99
N SER B 251 19.48 -37.14 -17.48
CA SER B 251 19.38 -38.61 -17.48
C SER B 251 19.04 -39.16 -18.87
N ALA B 252 19.55 -40.36 -19.16
CA ALA B 252 19.24 -41.07 -20.40
C ALA B 252 17.75 -41.50 -20.45
N PRO B 253 17.18 -41.71 -21.67
CA PRO B 253 15.86 -42.35 -21.77
C PRO B 253 15.91 -43.75 -21.15
N PRO B 254 14.90 -44.14 -20.35
CA PRO B 254 13.53 -43.61 -20.16
C PRO B 254 13.31 -42.47 -19.15
N LYS B 255 14.24 -42.24 -18.22
CA LYS B 255 14.04 -41.23 -17.16
C LYS B 255 14.06 -39.79 -17.66
N LEU B 256 14.70 -39.55 -18.80
CA LEU B 256 14.74 -38.21 -19.40
C LEU B 256 13.35 -37.59 -19.46
N GLY B 257 13.24 -36.36 -18.99
CA GLY B 257 11.99 -35.61 -19.07
C GLY B 257 11.03 -35.88 -17.94
N ARG B 258 11.43 -36.73 -16.99
CA ARG B 258 10.75 -36.80 -15.68
C ARG B 258 10.73 -35.42 -15.03
N ALA B 259 9.67 -35.12 -14.28
CA ALA B 259 9.43 -33.76 -13.83
C ALA B 259 8.84 -33.66 -12.44
N ALA B 260 9.13 -32.55 -11.76
CA ALA B 260 8.44 -32.16 -10.53
C ALA B 260 7.50 -31.04 -10.89
N VAL B 261 6.22 -31.31 -10.77
CA VAL B 261 5.16 -30.40 -11.20
C VAL B 261 4.58 -29.65 -10.00
N SER B 262 4.56 -28.33 -10.10
CA SER B 262 3.99 -27.48 -9.06
C SER B 262 2.83 -26.70 -9.67
N ARG B 263 1.62 -26.95 -9.18
CA ARG B 263 0.42 -26.34 -9.73
C ARG B 263 -0.43 -25.80 -8.60
N GLY B 264 -1.15 -24.72 -8.85
CA GLY B 264 -2.04 -24.20 -7.84
C GLY B 264 -2.87 -23.02 -8.26
N ARG B 265 -3.51 -22.41 -7.27
CA ARG B 265 -4.25 -21.18 -7.45
C ARG B 265 -4.19 -20.28 -6.19
N LEU B 266 -4.59 -19.01 -6.33
CA LEU B 266 -4.77 -18.13 -5.18
C LEU B 266 -5.77 -18.73 -4.21
N ALA B 267 -5.41 -18.72 -2.92
CA ALA B 267 -6.29 -19.14 -1.83
C ALA B 267 -7.42 -18.12 -1.58
N THR B 268 -8.56 -18.61 -1.13
CA THR B 268 -9.63 -17.79 -0.57
C THR B 268 -9.37 -17.75 0.94
N VAL B 269 -9.98 -16.79 1.64
CA VAL B 269 -9.84 -16.62 3.12
C VAL B 269 -10.15 -17.91 3.87
N GLU B 270 -11.31 -18.50 3.58
CA GLU B 270 -11.76 -19.72 4.25
C GLU B 270 -11.00 -20.98 3.80
N GLN B 271 -9.76 -20.80 3.34
CA GLN B 271 -8.87 -21.93 3.02
C GLN B 271 -7.54 -21.82 3.77
N LEU B 272 -7.38 -20.70 4.47
CA LEU B 272 -6.20 -20.44 5.26
C LEU B 272 -6.43 -20.88 6.71
N PRO B 273 -5.37 -21.38 7.37
CA PRO B 273 -5.37 -21.61 8.81
C PRO B 273 -5.64 -20.32 9.56
N ALA B 274 -6.37 -20.41 10.66
CA ALA B 274 -6.86 -19.29 11.48
C ALA B 274 -5.85 -18.15 11.75
N LYS B 275 -4.57 -18.50 11.87
CA LYS B 275 -3.50 -17.55 12.19
C LYS B 275 -3.32 -16.51 11.09
N LEU B 276 -3.49 -16.97 9.85
CA LEU B 276 -3.39 -16.15 8.66
C LEU B 276 -4.68 -15.38 8.27
N ARG B 277 -5.84 -15.79 8.83
CA ARG B 277 -7.15 -15.20 8.50
C ARG B 277 -7.31 -13.75 8.97
N SER B 278 -6.51 -13.37 9.95
CA SER B 278 -6.46 -12.01 10.52
C SER B 278 -5.94 -10.98 9.51
N GLU B 279 -4.83 -11.30 8.84
CA GLU B 279 -4.25 -10.50 7.77
C GLU B 279 -4.00 -11.37 6.53
N PRO B 280 -5.08 -11.67 5.76
CA PRO B 280 -4.88 -12.60 4.64
C PRO B 280 -4.09 -12.00 3.46
N LEU B 281 -3.93 -10.68 3.46
CA LEU B 281 -3.25 -9.98 2.37
C LEU B 281 -1.82 -9.52 2.73
N LYS B 282 -1.26 -10.02 3.83
CA LYS B 282 0.12 -9.70 4.22
C LYS B 282 1.13 -10.32 3.28
N PHE B 283 2.09 -9.54 2.79
CA PHE B 283 3.32 -10.13 2.23
C PHE B 283 4.61 -9.64 2.90
N ASP B 284 5.16 -10.44 3.81
CA ASP B 284 6.51 -10.16 4.40
C ASP B 284 7.53 -11.23 4.02
N ILE B 308 7.95 -50.56 -4.81
CA ILE B 308 8.42 -49.86 -3.55
C ILE B 308 9.34 -48.65 -3.82
N GLY B 309 10.25 -48.82 -4.82
CA GLY B 309 11.26 -47.80 -5.17
C GLY B 309 10.65 -46.58 -5.87
N GLU B 310 10.01 -46.83 -7.03
CA GLU B 310 9.29 -45.78 -7.77
C GLU B 310 8.06 -45.31 -6.99
N LEU B 311 7.47 -46.20 -6.20
CA LEU B 311 6.36 -45.90 -5.30
C LEU B 311 6.74 -44.82 -4.26
N TRP B 312 7.97 -44.95 -3.70
CA TRP B 312 8.48 -43.92 -2.80
C TRP B 312 8.72 -42.57 -3.53
N TYR B 313 9.48 -42.65 -4.65
CA TYR B 313 9.71 -41.47 -5.52
C TYR B 313 8.42 -40.66 -5.82
N ARG B 314 7.31 -41.37 -6.02
CA ARG B 314 5.98 -40.76 -6.23
C ARG B 314 5.40 -40.12 -4.97
N LYS B 315 5.30 -40.87 -3.86
CA LYS B 315 4.71 -40.37 -2.60
C LYS B 315 5.45 -39.16 -2.04
N SER B 316 6.79 -39.21 -2.08
CA SER B 316 7.64 -38.19 -1.46
C SER B 316 7.68 -36.88 -2.28
N GLY B 317 7.29 -36.94 -3.55
CA GLY B 317 7.16 -35.75 -4.40
C GLY B 317 5.74 -35.20 -4.54
N THR B 318 4.78 -35.92 -3.96
CA THR B 318 3.34 -35.66 -4.11
C THR B 318 2.80 -35.00 -2.86
N TYR B 319 2.03 -33.93 -3.04
CA TYR B 319 1.30 -33.27 -1.96
C TYR B 319 0.06 -32.55 -2.52
N ARG B 320 -0.92 -32.36 -1.65
CA ARG B 320 -2.19 -31.72 -2.00
C ARG B 320 -2.52 -30.62 -1.01
N GLY B 321 -3.05 -29.52 -1.54
CA GLY B 321 -3.57 -28.41 -0.74
C GLY B 321 -2.61 -27.73 0.20
N LYS B 322 -1.34 -27.63 -0.21
CA LYS B 322 -0.32 -26.96 0.60
C LYS B 322 -0.44 -25.43 0.48
N VAL B 323 -0.51 -24.79 1.63
CA VAL B 323 -0.63 -23.35 1.70
C VAL B 323 0.77 -22.72 1.62
N GLN B 324 0.99 -21.92 0.58
CA GLN B 324 2.31 -21.38 0.28
C GLN B 324 2.19 -19.89 -0.02
N ASN B 325 3.10 -19.07 0.51
CA ASN B 325 3.24 -17.69 0.03
C ASN B 325 3.96 -17.65 -1.34
N LEU B 326 4.12 -16.44 -1.87
CA LEU B 326 4.68 -16.25 -3.22
C LEU B 326 6.13 -16.77 -3.40
N THR B 327 6.96 -16.51 -2.40
CA THR B 327 8.34 -17.00 -2.31
C THR B 327 8.41 -18.54 -2.33
N GLN B 328 7.55 -19.22 -1.57
CA GLN B 328 7.58 -20.69 -1.56
C GLN B 328 7.10 -21.28 -2.88
N PHE B 329 6.09 -20.65 -3.48
CA PHE B 329 5.39 -21.18 -4.63
C PHE B 329 6.10 -20.97 -5.97
N TYR B 330 6.82 -19.86 -6.07
CA TYR B 330 7.38 -19.36 -7.30
C TYR B 330 8.87 -19.28 -7.00
N HIS B 331 9.28 -18.09 -6.53
CA HIS B 331 10.68 -17.70 -6.29
C HIS B 331 11.32 -18.44 -5.12
N GLY B 347 28.80 -17.27 -16.53
CA GLY B 347 29.28 -18.56 -17.09
C GLY B 347 28.15 -19.45 -17.63
N PHE B 348 26.95 -18.88 -17.74
CA PHE B 348 25.76 -19.61 -18.22
C PHE B 348 25.09 -18.98 -19.45
N LEU B 349 24.54 -19.82 -20.31
CA LEU B 349 23.74 -19.35 -21.45
C LEU B 349 22.29 -19.79 -21.30
N GLN B 350 21.40 -18.81 -21.29
CA GLN B 350 19.97 -19.06 -21.18
C GLN B 350 19.32 -19.28 -22.54
N TYR B 351 18.52 -20.32 -22.63
CA TYR B 351 17.98 -20.71 -23.90
C TYR B 351 16.54 -21.10 -23.68
N GLN B 352 15.63 -20.32 -24.25
CA GLN B 352 14.21 -20.55 -24.10
C GLN B 352 13.54 -20.66 -25.46
N PHE B 353 12.72 -21.69 -25.63
CA PHE B 353 11.95 -21.88 -26.84
C PHE B 353 10.57 -22.46 -26.56
N VAL B 354 9.70 -22.35 -27.55
CA VAL B 354 8.40 -22.95 -27.51
C VAL B 354 8.16 -23.75 -28.81
N ILE B 355 7.59 -24.94 -28.67
CA ILE B 355 7.27 -25.78 -29.80
C ILE B 355 5.78 -25.86 -29.86
N PRO B 356 5.17 -25.65 -31.05
CA PRO B 356 3.71 -25.79 -31.20
C PRO B 356 3.16 -27.08 -30.58
N THR B 357 1.98 -26.96 -29.97
CA THR B 357 1.31 -28.10 -29.32
C THR B 357 1.27 -29.37 -30.16
N GLU B 358 0.81 -29.24 -31.41
CA GLU B 358 0.65 -30.39 -32.31
C GLU B 358 1.98 -31.11 -32.63
N ALA B 359 3.10 -30.41 -32.47
CA ALA B 359 4.44 -30.94 -32.76
C ALA B 359 5.11 -31.60 -31.55
N VAL B 360 4.32 -32.26 -30.71
CA VAL B 360 4.82 -32.95 -29.49
C VAL B 360 5.88 -34.02 -29.78
N ASP B 361 5.75 -34.73 -30.90
CA ASP B 361 6.75 -35.72 -31.30
C ASP B 361 8.12 -35.07 -31.49
N GLU B 362 8.12 -33.94 -32.19
CA GLU B 362 9.33 -33.18 -32.46
C GLU B 362 9.87 -32.52 -31.17
N PHE B 363 8.95 -32.14 -30.29
CA PHE B 363 9.33 -31.70 -28.96
C PHE B 363 10.19 -32.73 -28.21
N LYS B 364 9.70 -33.96 -28.09
CA LYS B 364 10.43 -35.09 -27.48
C LYS B 364 11.81 -35.38 -28.10
N LYS B 365 11.96 -35.20 -29.41
CA LYS B 365 13.26 -35.36 -30.09
C LYS B 365 14.27 -34.29 -29.66
N ILE B 366 13.84 -33.03 -29.64
CA ILE B 366 14.69 -31.89 -29.21
C ILE B 366 15.25 -32.15 -27.83
N ILE B 367 14.36 -32.49 -26.88
CA ILE B 367 14.75 -32.87 -25.52
C ILE B 367 15.83 -33.96 -25.56
N GLY B 368 15.59 -35.01 -26.34
CA GLY B 368 16.53 -36.11 -26.54
C GLY B 368 17.89 -35.67 -27.08
N VAL B 369 17.86 -34.72 -28.02
CA VAL B 369 19.09 -34.18 -28.62
C VAL B 369 19.89 -33.41 -27.56
N ILE B 370 19.17 -32.66 -26.74
CA ILE B 370 19.74 -31.96 -25.60
C ILE B 370 20.50 -32.90 -24.64
N GLN B 371 19.90 -33.98 -24.13
CA GLN B 371 20.68 -34.82 -23.20
C GLN B 371 21.84 -35.55 -23.84
N ALA B 372 21.69 -35.93 -25.12
CA ALA B 372 22.74 -36.64 -25.86
C ALA B 372 23.91 -35.75 -26.27
N SER B 373 23.71 -34.43 -26.20
CA SER B 373 24.71 -33.43 -26.62
C SER B 373 25.99 -33.45 -25.78
N GLY B 374 25.85 -33.80 -24.51
CA GLY B 374 26.92 -33.68 -23.53
C GLY B 374 26.69 -32.45 -22.66
N HIS B 375 26.00 -31.46 -23.22
CA HIS B 375 25.74 -30.20 -22.52
C HIS B 375 24.67 -30.39 -21.44
N TYR B 376 25.16 -30.56 -20.23
CA TYR B 376 24.33 -30.87 -19.06
C TYR B 376 23.69 -29.61 -18.53
N SER B 377 22.40 -29.67 -18.29
CA SER B 377 21.67 -28.53 -17.74
C SER B 377 20.83 -28.96 -16.54
N PHE B 378 21.03 -28.26 -15.42
CA PHE B 378 20.45 -28.66 -14.12
C PHE B 378 19.11 -28.01 -13.84
N LEU B 379 19.00 -26.70 -14.09
CA LEU B 379 17.76 -25.97 -13.85
C LEU B 379 17.01 -25.72 -15.16
N ASN B 380 15.89 -26.41 -15.29
CA ASN B 380 15.09 -26.47 -16.50
C ASN B 380 13.61 -26.27 -16.13
N VAL B 381 12.94 -25.32 -16.78
CA VAL B 381 11.56 -25.03 -16.47
C VAL B 381 10.71 -25.40 -17.68
N PHE B 382 9.64 -26.13 -17.43
CA PHE B 382 8.75 -26.61 -18.47
C PHE B 382 7.35 -26.09 -18.16
N LYS B 383 6.66 -25.63 -19.19
CA LYS B 383 5.33 -25.03 -19.09
C LYS B 383 4.56 -25.24 -20.40
N LEU B 384 3.28 -25.59 -20.31
CA LEU B 384 2.45 -25.58 -21.49
C LEU B 384 1.77 -24.20 -21.58
N PHE B 385 2.09 -23.44 -22.63
CA PHE B 385 1.50 -22.15 -22.92
C PHE B 385 0.07 -22.36 -23.45
N GLY B 386 -0.80 -21.40 -23.20
CA GLY B 386 -2.14 -21.33 -23.80
C GLY B 386 -2.18 -20.37 -24.98
N PRO B 387 -3.40 -19.87 -25.34
CA PRO B 387 -3.59 -19.03 -26.55
C PRO B 387 -2.73 -17.77 -26.61
N ARG B 388 -2.33 -17.42 -27.82
CA ARG B 388 -1.55 -16.21 -28.07
C ARG B 388 -2.41 -14.93 -28.00
N ASN B 389 -1.76 -13.77 -27.92
CA ASN B 389 -2.47 -12.50 -28.05
C ASN B 389 -2.21 -11.91 -29.45
N GLN B 390 -2.69 -10.70 -29.70
CA GLN B 390 -2.59 -10.09 -31.01
C GLN B 390 -1.36 -9.21 -31.20
N ALA B 391 -0.32 -9.37 -30.36
CA ALA B 391 0.94 -8.65 -30.57
C ALA B 391 1.77 -9.37 -31.60
N PRO B 392 2.06 -8.69 -32.73
CA PRO B 392 2.87 -9.34 -33.78
C PRO B 392 4.18 -9.98 -33.27
N LEU B 393 4.87 -9.34 -32.31
CA LEU B 393 6.20 -9.86 -31.89
C LEU B 393 6.19 -10.56 -30.54
N SER B 394 5.00 -10.84 -30.03
CA SER B 394 4.83 -11.58 -28.78
C SER B 394 5.39 -13.03 -28.88
N PHE B 395 6.18 -13.43 -27.89
CA PHE B 395 6.77 -14.77 -27.87
C PHE B 395 5.77 -15.96 -27.70
N PRO B 396 4.90 -15.94 -26.66
CA PRO B 396 4.11 -17.17 -26.42
C PRO B 396 3.14 -17.53 -27.54
N ILE B 397 3.15 -18.80 -27.95
CA ILE B 397 2.13 -19.41 -28.78
C ILE B 397 1.71 -20.69 -28.05
N PRO B 398 0.48 -21.18 -28.27
CA PRO B 398 0.11 -22.41 -27.57
C PRO B 398 1.12 -23.55 -27.86
N GLY B 399 1.64 -24.14 -26.79
CA GLY B 399 2.62 -25.22 -26.90
C GLY B 399 3.64 -25.34 -25.79
N TRP B 400 4.61 -26.21 -26.05
CA TRP B 400 5.59 -26.66 -25.07
C TRP B 400 6.75 -25.68 -24.95
N ASN B 401 6.76 -24.96 -23.83
CA ASN B 401 7.79 -24.00 -23.50
C ASN B 401 8.80 -24.61 -22.55
N ILE B 402 10.08 -24.44 -22.91
CA ILE B 402 11.25 -24.95 -22.17
C ILE B 402 12.21 -23.80 -22.00
N CYS B 403 12.75 -23.71 -20.81
CA CYS B 403 13.85 -22.83 -20.54
C CYS B 403 14.95 -23.67 -19.92
N VAL B 404 16.14 -23.63 -20.54
CA VAL B 404 17.32 -24.38 -20.10
C VAL B 404 18.50 -23.45 -19.82
N ASP B 405 19.43 -23.96 -19.02
CA ASP B 405 20.62 -23.24 -18.54
C ASP B 405 21.89 -24.05 -18.84
N PHE B 406 22.59 -23.72 -19.93
CA PHE B 406 23.83 -24.42 -20.28
C PHE B 406 25.03 -23.65 -19.76
N PRO B 407 26.02 -24.37 -19.18
CA PRO B 407 27.25 -23.68 -18.79
C PRO B 407 28.17 -23.51 -19.99
N ILE B 408 28.77 -22.33 -20.10
CA ILE B 408 29.68 -22.00 -21.20
C ILE B 408 30.85 -22.97 -21.19
N LYS B 409 30.93 -23.74 -22.27
CA LYS B 409 31.78 -24.91 -22.44
C LYS B 409 32.01 -25.04 -23.95
N ASP B 410 33.18 -25.55 -24.36
CA ASP B 410 33.56 -25.67 -25.78
C ASP B 410 32.50 -26.41 -26.62
N GLY B 411 32.19 -25.84 -27.79
CA GLY B 411 31.19 -26.41 -28.69
C GLY B 411 29.79 -25.84 -28.57
N LEU B 412 29.46 -25.28 -27.40
CA LEU B 412 28.11 -24.82 -27.08
C LEU B 412 27.49 -23.95 -28.17
N GLY B 413 28.25 -22.96 -28.63
CA GLY B 413 27.79 -22.01 -29.66
C GLY B 413 27.38 -22.67 -30.96
N LYS B 414 28.18 -23.66 -31.40
CA LYS B 414 27.83 -24.51 -32.54
C LYS B 414 26.56 -25.30 -32.22
N PHE B 415 26.49 -25.83 -31.00
CA PHE B 415 25.37 -26.68 -30.62
C PHE B 415 24.04 -25.94 -30.51
N VAL B 416 24.06 -24.72 -29.99
CA VAL B 416 22.82 -23.95 -29.88
C VAL B 416 22.31 -23.48 -31.24
N SER B 417 23.22 -23.28 -32.17
CA SER B 417 22.89 -23.05 -33.59
C SER B 417 22.14 -24.22 -34.20
N GLU B 418 22.61 -25.44 -33.96
CA GLU B 418 21.89 -26.67 -34.35
C GLU B 418 20.48 -26.70 -33.76
N LEU B 419 20.34 -26.28 -32.48
CA LEU B 419 19.06 -26.25 -31.80
C LEU B 419 18.06 -25.26 -32.39
N ASP B 420 18.52 -24.03 -32.62
CA ASP B 420 17.78 -22.98 -33.35
C ASP B 420 17.11 -23.53 -34.60
N ARG B 421 17.88 -24.26 -35.42
CA ARG B 421 17.41 -24.82 -36.66
C ARG B 421 16.35 -25.90 -36.49
N ARG B 422 16.48 -26.71 -35.45
CA ARG B 422 15.42 -27.67 -35.10
C ARG B 422 14.15 -26.96 -34.65
N VAL B 423 14.29 -25.97 -33.78
CA VAL B 423 13.16 -25.20 -33.28
C VAL B 423 12.45 -24.52 -34.46
N LEU B 424 13.25 -23.93 -35.34
CA LEU B 424 12.76 -23.22 -36.49
C LEU B 424 12.00 -24.17 -37.42
N GLU B 425 12.60 -25.33 -37.70
CA GLU B 425 12.01 -26.39 -38.51
C GLU B 425 10.62 -26.80 -38.02
N PHE B 426 10.43 -26.91 -36.70
CA PHE B 426 9.17 -27.45 -36.19
C PHE B 426 8.08 -26.44 -35.86
N GLY B 427 8.24 -25.21 -36.34
CA GLY B 427 7.24 -24.17 -36.12
C GLY B 427 7.44 -23.36 -34.86
N GLY B 428 8.49 -23.65 -34.08
CA GLY B 428 8.71 -22.93 -32.83
C GLY B 428 9.40 -21.59 -32.96
N ARG B 429 9.67 -20.99 -31.82
CA ARG B 429 10.46 -19.75 -31.76
C ARG B 429 11.30 -19.61 -30.48
N LEU B 430 12.30 -18.73 -30.56
CA LEU B 430 13.08 -18.29 -29.42
C LEU B 430 12.55 -16.98 -28.83
N TYR B 431 12.96 -16.71 -27.59
CA TYR B 431 12.52 -15.53 -26.82
C TYR B 431 13.67 -14.51 -26.78
N THR B 432 13.39 -13.30 -27.28
CA THR B 432 14.42 -12.25 -27.43
C THR B 432 14.90 -11.63 -26.10
N ALA B 433 14.12 -11.78 -25.04
CA ALA B 433 14.55 -11.36 -23.68
C ALA B 433 15.60 -12.32 -23.10
N LYS B 434 15.75 -13.47 -23.74
CA LYS B 434 16.75 -14.48 -23.35
C LYS B 434 17.86 -14.65 -24.40
N ASP B 435 17.67 -14.11 -25.60
CA ASP B 435 18.55 -14.34 -26.75
C ASP B 435 19.43 -13.13 -27.08
N SER B 436 20.67 -13.42 -27.48
CA SER B 436 21.64 -12.41 -27.90
C SER B 436 22.35 -12.75 -29.23
N ARG B 437 22.20 -13.98 -29.72
CA ARG B 437 23.07 -14.43 -30.82
C ARG B 437 22.41 -15.04 -32.09
N THR B 438 21.10 -14.84 -32.28
CA THR B 438 20.45 -15.26 -33.53
C THR B 438 20.40 -14.20 -34.62
N THR B 439 20.35 -14.67 -35.86
CA THR B 439 20.41 -13.82 -37.04
C THR B 439 19.06 -13.19 -37.35
N ALA B 440 19.08 -12.13 -38.12
CA ALA B 440 17.88 -11.51 -38.70
C ALA B 440 16.95 -12.54 -39.36
N GLU B 441 17.58 -13.50 -40.05
CA GLU B 441 16.87 -14.47 -40.89
C GLU B 441 16.10 -15.50 -40.09
N THR B 442 16.76 -16.12 -39.12
CA THR B 442 16.09 -17.01 -38.17
C THR B 442 14.89 -16.33 -37.49
N PHE B 443 15.11 -15.13 -36.95
CA PHE B 443 14.06 -14.34 -36.29
C PHE B 443 12.86 -14.06 -37.17
N HIS B 444 13.14 -13.53 -38.36
CA HIS B 444 12.12 -13.29 -39.38
C HIS B 444 11.27 -14.52 -39.65
N ALA B 445 11.92 -15.67 -39.80
CA ALA B 445 11.22 -16.91 -40.04
C ALA B 445 10.39 -17.36 -38.82
N MET B 446 10.82 -17.01 -37.60
CA MET B 446 10.12 -17.46 -36.41
C MET B 446 8.90 -16.57 -36.10
N TYR B 447 8.92 -15.34 -36.60
CA TYR B 447 7.89 -14.33 -36.34
C TYR B 447 7.35 -13.84 -37.68
N PRO B 448 6.41 -14.60 -38.28
CA PRO B 448 6.07 -14.25 -39.67
C PRO B 448 5.31 -12.91 -39.76
N ARG B 449 4.76 -12.44 -38.63
CA ARG B 449 4.08 -11.16 -38.61
C ARG B 449 5.06 -9.98 -38.44
N VAL B 450 6.35 -10.24 -38.59
CA VAL B 450 7.38 -9.19 -38.49
C VAL B 450 7.20 -8.08 -39.55
N ASP B 451 6.95 -8.47 -40.80
CA ASP B 451 6.79 -7.50 -41.88
C ASP B 451 5.65 -6.54 -41.55
N GLU B 452 4.52 -7.08 -41.10
CA GLU B 452 3.41 -6.26 -40.59
C GLU B 452 3.83 -5.30 -39.45
N TRP B 453 4.61 -5.80 -38.49
CA TRP B 453 5.13 -4.97 -37.37
C TRP B 453 6.05 -3.84 -37.85
N ILE B 454 6.94 -4.12 -38.81
CA ILE B 454 7.84 -3.09 -39.35
C ILE B 454 7.11 -1.89 -39.99
N SER B 455 6.01 -2.17 -40.70
CA SER B 455 5.17 -1.12 -41.30
C SER B 455 4.54 -0.21 -40.25
N VAL B 456 4.08 -0.77 -39.12
CA VAL B 456 3.62 0.03 -37.99
C VAL B 456 4.80 0.89 -37.48
N ARG B 457 5.98 0.27 -37.36
CA ARG B 457 7.17 0.96 -36.85
C ARG B 457 7.68 2.13 -37.74
N ARG B 458 7.70 1.95 -39.06
CA ARG B 458 8.14 3.01 -40.00
C ARG B 458 7.15 4.18 -40.10
N LYS B 459 5.88 3.88 -39.84
CA LYS B 459 4.80 4.87 -39.78
C LYS B 459 4.93 5.78 -38.53
N VAL B 460 5.39 5.20 -37.43
CA VAL B 460 5.48 5.91 -36.15
C VAL B 460 6.88 6.45 -35.82
N ASP B 461 7.91 5.82 -36.40
CA ASP B 461 9.29 6.27 -36.26
C ASP B 461 10.03 6.22 -37.63
N PRO B 462 9.74 7.20 -38.53
CA PRO B 462 10.37 7.20 -39.88
C PRO B 462 11.89 7.43 -39.87
N LEU B 463 12.35 8.37 -39.03
CA LEU B 463 13.78 8.76 -38.95
C LEU B 463 14.71 7.82 -38.16
N ARG B 464 14.16 6.74 -37.61
CA ARG B 464 14.90 5.73 -36.80
C ARG B 464 15.50 6.33 -35.49
N VAL B 465 14.73 7.22 -34.85
CA VAL B 465 15.04 7.79 -33.54
C VAL B 465 15.20 6.72 -32.44
N PHE B 466 14.35 5.69 -32.45
CA PHE B 466 14.46 4.58 -31.51
C PHE B 466 15.17 3.40 -32.13
N ALA B 467 16.31 3.08 -31.52
CA ALA B 467 17.25 2.12 -32.08
C ALA B 467 18.01 1.46 -30.92
N SER B 468 18.37 0.20 -31.12
CA SER B 468 19.17 -0.56 -30.17
C SER B 468 20.05 -1.59 -30.89
N ASP B 469 21.00 -2.18 -30.15
CA ASP B 469 21.85 -3.25 -30.64
C ASP B 469 20.99 -4.39 -31.18
N MET B 470 20.01 -4.85 -30.41
CA MET B 470 19.07 -5.86 -30.90
C MET B 470 18.40 -5.51 -32.24
N ALA B 471 17.89 -4.28 -32.35
CA ALA B 471 17.21 -3.83 -33.56
C ALA B 471 18.12 -3.91 -34.79
N ARG B 472 19.38 -3.54 -34.63
CA ARG B 472 20.36 -3.59 -35.74
C ARG B 472 20.69 -5.03 -36.14
N ARG B 473 20.99 -5.88 -35.16
CA ARG B 473 21.29 -7.30 -35.37
C ARG B 473 20.12 -8.05 -36.03
N LEU B 474 18.90 -7.76 -35.60
CA LEU B 474 17.71 -8.42 -36.12
C LEU B 474 17.06 -7.70 -37.30
N GLU B 475 17.70 -6.61 -37.75
CA GLU B 475 17.19 -5.75 -38.84
C GLU B 475 15.72 -5.39 -38.65
N LEU B 476 15.42 -4.81 -37.49
CA LEU B 476 14.09 -4.31 -37.16
C LEU B 476 14.05 -2.78 -37.16
N LEU B 477 15.12 -2.14 -37.63
CA LEU B 477 15.20 -0.68 -37.70
C LEU B 477 14.10 -0.08 -38.58
#